data_8HJ5
#
_entry.id   8HJ5
#
_cell.length_a   1.00
_cell.length_b   1.00
_cell.length_c   1.00
_cell.angle_alpha   90.00
_cell.angle_beta   90.00
_cell.angle_gamma   90.00
#
_symmetry.space_group_name_H-M   'P 1'
#
loop_
_entity.id
_entity.type
_entity.pdbx_description
1 polymer 'Guanine nucleotide-binding protein G(q) subunit alpha'
2 polymer 'Guanine nucleotide-binding protein G(I)/G(S)/G(T) subunit beta-1'
3 polymer 'Guanine nucleotide-binding protein G(I)/G(S)/G(O) subunit gamma-2'
4 polymer scFv16
5 polymer 'Soluble cytochrome b562,Mas-related G-protein coupled receptor member X1,LgBit'
6 polymer Nb35
7 non-polymer N-{2-[(1-aminoisoquinolin-6-yl)oxy]-4-methylphenyl}-2-methoxybenzene-1-sulfonamide
#
loop_
_entity_poly.entity_id
_entity_poly.type
_entity_poly.pdbx_seq_one_letter_code
_entity_poly.pdbx_strand_id
1 'polypeptide(L)'
;MMGCTLSAEDKAAVERSKMIEKQLQKDKQVYRRTLRLLLLGADNSGKSTIVKQMRIYHVNGYSEEECKQYKAVVYSNTIQ
SIIAIIRAMGRLKIDFGDSARADDARQLFVLAGAAEEGFMTAELAGVIKRLWKDSGVQACFNRSREYQLNDSAAYYLNDL
DRIAQPNYIPTQQDVLRTRVKTSGIFETKFQVDKVNFHMFDVGAQRDERRKWIQCFNDVTAIIFVVDSSDYNRLQEALND
FKSIWNNRWLRTISVILFLNKQDLLAEKVLAGKSKIEDYFPEFARYTTPEDATPEPGEDPRVTRAKYFIRKEFVDISTAS
GDGRHICYPHFTCSVDTENARRIFNDCKDIILQMNLREYNLV
;
A
2 'polypeptide(L)'
;HHHHHHHHHHLEVLFQGPGSSGSELDQLRQEAEQLKNQIRDARKACADATLSQITNNIDPVGRIQMRTRRTLRGHLAKIY
AMHWGTDSRLLVSASQDGKLIIWDSYTTNKVHAIPLRSSWVMTCAYAPSGNYVACGGLDNICSIYNLKTREGNVRVSREL
AGHTGYLSCCRFLDDNQIVTSSGDTTCALWDIETGQQTTTFTGHTGDVMSLSLAPDTRLFVSGACDASAKLWDVREGMCR
QTFTGHESDINAICFFPNGNAFATGSDDATCRLFDLRADQELMTYSHDNIICGITSVSFSKSGRLLLAGYDDFNCNVWDA
LKADRAGVLAGHDNRVSCLGVTDDGMAVATGSWDSFLKIWNGASGASGASGASVSGWRLFKKIS
;
B
3 'polypeptide(L)' MASNNTASIAQARKLVEQLKMEANIDRIKVSKAAADLMAYCEAHAKEDPLLTPVPASENPFREKKFFCAIL D
4 'polypeptide(L)'
;DVQLVESGGGLVQPGGSRKLSCSASGFAFSSFGMHWVRQAPEKGLEWVAYISSGSGTIYYADTVKGRFTISRDDPKNTLF
LQMTSLRSEDTAMYYCVRSIYYYGSSPFDFWGQGTTLTVSSGGGGSGGGGSGGGGSDIVMTQATSSVPVTPGESVSISCR
SSKSLLHSNGNTYLYWFLQRPGQSPQLLIYRMSNLASGVPDRFSGSGSGTAFTLTISRLEAEDVGVYYCMQHLEYPLTFG
AGTKLELKAAAHHHHHHHH
;
C
5 'polypeptide(L)'
;MKTIIALSYIFCLVFADYKDDDDKLEVLFQGPGSADLEDNWETLNDNLKVIEKADNAAQVKDALTKMRAAALDAQKATPP
KLEDKSPDSPEMKDFRHGFDILVGQIDDALKLANEGKVKEAQAAAEQLKTTRNAYIQKYLMDPTISTLDTELTPINGTEE
TLCYKQTLSLTVLTCIVSLVGLTGNAVVLWLLGCRMRRNAFSIYILNLAAADFLFLSGRLIYSLLSFISIPHTISKILYP
VMMFSYFAGLSFLSAVSTERCLSVLWPIWYRCHRPTHLSAVVCVLLWALSLLRSILEWMLCGFLFSGADSAWCQTSDFIT
VAWLIFLCVVLCGSSLVLLIRILCGSRKIPLTRLYVTILLTVLVFLLCGLPFGIQFFLFLWIHVDREVLFCHVHLVSIFL
SALNSSANPIIYFFVGSFRQRQNRQNLKLVLQRALQDASEVDEGGGQLPEEILELSGSRLEQGSAGSVFTLEDFVGDWEQ
TAAYNLDQVLEQGGVSSLLQNLAVSVTPIQRIVRSGENALKIDIHVIIPYEGLSADQMAQIEEVFKVVYPVDDHHFKVIL
PYGTLVIDGVTPNMLNYFGRPYEGIAVFDGKKITVTGTLWNGNKIIDERLITPDGSMLFRVTINSLEHHHHHHHHHH
;
F
6 'polypeptide(L)'
;MKYLLPTAAAGLLLLAAQPAMAMQVQLQESGGGLVQPGGSLRLSCAASGFTFSNYKMNWVRQAPGKGLEWVSDISQSGAS
ISYTGSVKGRFTISRDNAKNTLYLQMNSLKPEDTAVYYCARCPAPFTRDCFDVTSTTYAYRGQGTQVTVSSHHHHHH
;
E
#
# COMPACT_ATOMS: atom_id res chain seq x y z
N CYS A 4 25.38 21.45 -9.99
CA CYS A 4 24.39 20.54 -9.40
C CYS A 4 23.00 21.14 -9.47
N THR A 5 22.94 22.48 -9.59
CA THR A 5 21.69 23.23 -9.65
C THR A 5 20.82 22.98 -8.43
N LEU A 6 21.44 22.86 -7.26
CA LEU A 6 20.73 22.77 -6.00
C LEU A 6 21.26 23.81 -5.02
N SER A 7 20.37 24.38 -4.24
CA SER A 7 20.75 25.40 -3.27
C SER A 7 21.52 24.78 -2.12
N ALA A 8 21.89 25.61 -1.15
CA ALA A 8 22.53 25.12 0.06
C ALA A 8 21.55 24.47 1.02
N GLU A 9 20.24 24.61 0.77
CA GLU A 9 19.21 24.05 1.64
C GLU A 9 18.50 22.85 1.03
N ASP A 10 18.37 22.80 -0.30
CA ASP A 10 17.79 21.61 -0.91
C ASP A 10 18.68 20.39 -0.71
N LYS A 11 20.00 20.59 -0.62
CA LYS A 11 20.90 19.49 -0.29
C LYS A 11 20.60 18.94 1.09
N ALA A 12 20.35 19.82 2.06
CA ALA A 12 19.98 19.36 3.39
C ALA A 12 18.62 18.67 3.40
N ALA A 13 17.68 19.13 2.57
CA ALA A 13 16.41 18.44 2.45
C ALA A 13 16.61 17.02 1.90
N VAL A 14 17.47 16.88 0.90
CA VAL A 14 17.74 15.56 0.33
C VAL A 14 18.42 14.65 1.36
N GLU A 15 19.35 15.20 2.14
CA GLU A 15 19.99 14.40 3.19
C GLU A 15 18.99 13.93 4.23
N ARG A 16 18.05 14.80 4.61
CA ARG A 16 17.00 14.40 5.54
C ARG A 16 16.14 13.29 4.96
N SER A 17 15.78 13.40 3.68
CA SER A 17 15.01 12.35 3.04
C SER A 17 15.76 11.02 3.05
N LYS A 18 17.08 11.06 2.82
CA LYS A 18 17.86 9.84 2.85
C LYS A 18 17.92 9.21 4.24
N MET A 19 18.02 10.04 5.28
CA MET A 19 17.96 9.50 6.64
C MET A 19 16.62 8.83 6.91
N ILE A 20 15.53 9.46 6.45
CA ILE A 20 14.21 8.84 6.61
C ILE A 20 14.15 7.51 5.87
N GLU A 21 14.75 7.44 4.69
CA GLU A 21 14.76 6.18 3.93
C GLU A 21 15.53 5.09 4.66
N LYS A 22 16.66 5.44 5.30
CA LYS A 22 17.39 4.44 6.07
C LYS A 22 16.54 3.90 7.22
N GLN A 23 15.84 4.80 7.93
CA GLN A 23 14.95 4.34 8.99
C GLN A 23 13.86 3.43 8.44
N LEU A 24 13.33 3.76 7.26
CA LEU A 24 12.33 2.91 6.63
C LEU A 24 12.89 1.53 6.29
N GLN A 25 14.15 1.45 5.88
CA GLN A 25 14.76 0.14 5.61
C GLN A 25 14.85 -0.70 6.89
N LYS A 26 15.26 -0.07 8.00
CA LYS A 26 15.28 -0.81 9.26
C LYS A 26 13.88 -1.31 9.64
N ASP A 27 12.87 -0.45 9.47
CA ASP A 27 11.51 -0.87 9.76
C ASP A 27 11.06 -1.99 8.84
N LYS A 28 11.52 -1.99 7.59
CA LYS A 28 11.19 -3.07 6.66
C LYS A 28 11.76 -4.39 7.12
N GLN A 29 13.01 -4.40 7.59
CA GLN A 29 13.58 -5.63 8.13
C GLN A 29 12.74 -6.14 9.30
N VAL A 30 12.43 -5.25 10.26
CA VAL A 30 11.65 -5.66 11.41
C VAL A 30 10.27 -6.17 11.00
N TYR A 31 9.63 -5.53 10.03
CA TYR A 31 8.30 -5.94 9.55
C TYR A 31 8.34 -7.28 8.83
N ARG A 32 9.42 -7.57 8.10
CA ARG A 32 9.54 -8.86 7.43
C ARG A 32 9.78 -10.00 8.42
N ARG A 33 10.54 -9.75 9.49
CA ARG A 33 10.90 -10.86 10.38
C ARG A 33 9.71 -11.47 11.12
N THR A 34 8.56 -10.80 11.17
CA THR A 34 7.44 -11.26 11.97
C THR A 34 6.30 -11.77 11.09
N LEU A 35 5.51 -12.69 11.65
CA LEU A 35 4.37 -13.29 10.97
C LEU A 35 3.08 -12.87 11.65
N ARG A 36 2.05 -12.60 10.84
CA ARG A 36 0.78 -12.10 11.33
C ARG A 36 -0.32 -13.12 11.06
N LEU A 37 -1.14 -13.38 12.08
CA LEU A 37 -2.25 -14.31 12.01
C LEU A 37 -3.55 -13.59 12.32
N LEU A 38 -4.65 -14.07 11.75
CA LEU A 38 -5.97 -13.54 12.04
C LEU A 38 -6.81 -14.62 12.71
N LEU A 39 -7.35 -14.32 13.88
CA LEU A 39 -8.10 -15.29 14.66
C LEU A 39 -9.60 -15.02 14.51
N LEU A 40 -10.34 -16.04 14.10
CA LEU A 40 -11.78 -15.96 13.91
C LEU A 40 -12.49 -16.96 14.82
N GLY A 41 -13.81 -16.99 14.73
CA GLY A 41 -14.60 -17.89 15.55
C GLY A 41 -15.81 -17.22 16.18
N ALA A 42 -16.80 -18.02 16.57
CA ALA A 42 -18.03 -17.50 17.16
C ALA A 42 -17.84 -17.32 18.67
N ASP A 43 -18.92 -16.99 19.37
CA ASP A 43 -18.83 -16.72 20.80
C ASP A 43 -18.66 -18.01 21.60
N ASN A 44 -19.33 -19.08 21.19
CA ASN A 44 -19.24 -20.36 21.88
C ASN A 44 -18.05 -21.20 21.45
N SER A 45 -17.26 -20.73 20.49
CA SER A 45 -16.13 -21.50 19.99
C SER A 45 -15.02 -21.64 21.03
N GLY A 46 -15.00 -20.80 22.04
CA GLY A 46 -13.95 -20.86 23.04
C GLY A 46 -12.62 -20.31 22.58
N LYS A 47 -12.61 -19.41 21.59
CA LYS A 47 -11.36 -18.85 21.12
C LYS A 47 -10.67 -18.00 22.18
N SER A 48 -11.39 -17.55 23.21
CA SER A 48 -10.76 -16.87 24.32
C SER A 48 -9.81 -17.79 25.07
N THR A 49 -10.16 -19.07 25.20
CA THR A 49 -9.26 -20.03 25.83
C THR A 49 -7.99 -20.20 25.01
N ILE A 50 -8.11 -20.24 23.68
CA ILE A 50 -6.92 -20.32 22.84
C ILE A 50 -6.08 -19.06 22.97
N VAL A 51 -6.73 -17.89 23.07
CA VAL A 51 -5.99 -16.65 23.28
C VAL A 51 -5.20 -16.70 24.57
N LYS A 52 -5.85 -17.19 25.65
CA LYS A 52 -5.19 -17.25 26.95
C LYS A 52 -4.15 -18.37 27.02
N GLN A 53 -4.22 -19.36 26.12
CA GLN A 53 -3.25 -20.45 26.14
C GLN A 53 -1.90 -20.03 25.62
N MET A 54 -1.81 -18.93 24.88
CA MET A 54 -0.55 -18.43 24.36
C MET A 54 0.17 -17.57 25.40
N ARG A 55 0.32 -18.12 26.60
CA ARG A 55 1.00 -17.50 27.74
C ARG A 55 0.79 -15.98 27.83
N THR A 182 -14.18 0.36 24.09
CA THR A 182 -14.78 0.30 22.76
C THR A 182 -13.73 0.15 21.67
N SER A 183 -12.58 -0.43 22.03
CA SER A 183 -11.53 -0.67 21.05
C SER A 183 -11.98 -1.70 20.02
N GLY A 184 -11.74 -1.41 18.76
CA GLY A 184 -12.22 -2.22 17.67
C GLY A 184 -11.38 -3.41 17.28
N ILE A 185 -10.21 -3.60 17.90
CA ILE A 185 -9.37 -4.75 17.59
C ILE A 185 -8.47 -5.01 18.79
N PHE A 186 -8.09 -6.27 18.97
CA PHE A 186 -7.17 -6.67 20.02
C PHE A 186 -6.03 -7.47 19.39
N GLU A 187 -4.83 -7.22 19.90
CA GLU A 187 -3.62 -7.86 19.39
C GLU A 187 -2.87 -8.52 20.53
N THR A 188 -2.42 -9.75 20.31
CA THR A 188 -1.58 -10.47 21.28
C THR A 188 -0.32 -10.95 20.59
N LYS A 189 0.76 -11.02 21.36
CA LYS A 189 2.08 -11.35 20.85
C LYS A 189 2.58 -12.63 21.50
N PHE A 190 3.15 -13.54 20.71
CA PHE A 190 3.76 -14.73 21.26
C PHE A 190 4.81 -15.25 20.31
N GLN A 191 5.88 -15.82 20.86
CA GLN A 191 6.97 -16.30 20.05
C GLN A 191 7.27 -17.76 20.38
N VAL A 192 7.63 -18.51 19.33
CA VAL A 192 8.01 -19.92 19.48
C VAL A 192 9.20 -20.18 18.56
N ASP A 193 10.22 -20.85 19.10
CA ASP A 193 11.45 -21.18 18.37
C ASP A 193 12.05 -19.94 17.72
N LYS A 194 12.09 -18.84 18.47
CA LYS A 194 12.64 -17.56 18.03
C LYS A 194 11.91 -17.02 16.80
N VAL A 195 10.63 -17.33 16.64
CA VAL A 195 9.79 -16.76 15.60
C VAL A 195 8.63 -16.03 16.28
N ASN A 196 8.37 -14.80 15.83
CA ASN A 196 7.42 -13.92 16.47
C ASN A 196 6.08 -13.94 15.72
N PHE A 197 4.99 -14.07 16.47
CA PHE A 197 3.64 -14.09 15.92
C PHE A 197 2.80 -13.01 16.58
N HIS A 198 2.06 -12.27 15.77
CA HIS A 198 1.06 -11.32 16.22
C HIS A 198 -0.31 -11.82 15.80
N MET A 199 -1.21 -11.97 16.76
CA MET A 199 -2.55 -12.50 16.51
C MET A 199 -3.59 -11.41 16.77
N PHE A 200 -4.45 -11.17 15.80
CA PHE A 200 -5.45 -10.11 15.85
C PHE A 200 -6.84 -10.72 15.92
N ASP A 201 -7.70 -10.16 16.76
CA ASP A 201 -9.11 -10.51 16.75
C ASP A 201 -9.96 -9.26 16.99
N VAL A 202 -11.03 -9.13 16.20
CA VAL A 202 -11.90 -7.97 16.34
C VAL A 202 -12.73 -8.09 17.62
N GLY A 203 -12.96 -6.95 18.26
CA GLY A 203 -13.66 -6.98 19.54
C GLY A 203 -14.91 -6.12 19.62
N ALA A 204 -15.00 -5.07 18.81
CA ALA A 204 -16.12 -4.14 18.96
C ALA A 204 -16.67 -3.68 17.61
N GLN A 205 -16.65 -4.54 16.61
CA GLN A 205 -17.24 -4.20 15.32
C GLN A 205 -18.59 -4.92 15.16
N ARG A 206 -19.38 -4.40 14.23
CA ARG A 206 -20.68 -4.98 13.95
C ARG A 206 -20.52 -6.31 13.22
N ASP A 207 -21.64 -7.02 13.04
CA ASP A 207 -21.64 -8.34 12.43
C ASP A 207 -22.03 -8.27 10.95
N GLU A 208 -21.20 -7.59 10.16
CA GLU A 208 -21.35 -7.64 8.71
C GLU A 208 -20.11 -8.15 7.99
N ARG A 209 -18.92 -7.69 8.39
CA ARG A 209 -17.68 -8.39 8.11
C ARG A 209 -17.25 -8.36 6.64
N ARG A 210 -18.08 -7.83 5.75
CA ARG A 210 -17.73 -7.89 4.34
C ARG A 210 -16.87 -6.71 3.89
N LYS A 211 -16.55 -5.77 4.79
CA LYS A 211 -15.74 -4.61 4.44
C LYS A 211 -14.46 -4.49 5.25
N TRP A 212 -14.43 -4.97 6.49
CA TRP A 212 -13.19 -4.96 7.26
C TRP A 212 -12.43 -6.28 7.18
N ILE A 213 -12.94 -7.25 6.40
CA ILE A 213 -12.18 -8.48 6.17
C ILE A 213 -11.20 -8.33 5.01
N GLN A 214 -11.35 -7.29 4.18
CA GLN A 214 -10.41 -7.05 3.10
C GLN A 214 -9.04 -6.63 3.62
N CYS A 215 -8.97 -6.08 4.83
CA CYS A 215 -7.69 -5.65 5.38
C CYS A 215 -6.76 -6.83 5.64
N PHE A 216 -7.32 -8.00 5.92
CA PHE A 216 -6.53 -9.19 6.25
C PHE A 216 -6.36 -10.10 5.04
N ASN A 217 -5.68 -9.57 4.01
CA ASN A 217 -5.37 -10.38 2.84
C ASN A 217 -3.87 -10.55 2.63
N ASP A 218 -3.03 -9.97 3.48
CA ASP A 218 -1.59 -10.22 3.46
C ASP A 218 -1.13 -10.94 4.72
N VAL A 219 -2.06 -11.55 5.46
CA VAL A 219 -1.72 -12.27 6.68
C VAL A 219 -1.18 -13.64 6.33
N THR A 220 -0.43 -14.24 7.26
CA THR A 220 0.13 -15.57 7.02
C THR A 220 -0.95 -16.64 7.06
N ALA A 221 -1.84 -16.58 8.04
CA ALA A 221 -2.85 -17.62 8.21
C ALA A 221 -4.06 -17.09 8.94
N ILE A 222 -5.17 -17.82 8.80
CA ILE A 222 -6.43 -17.51 9.45
C ILE A 222 -6.74 -18.69 10.37
N ILE A 223 -6.59 -18.49 11.68
CA ILE A 223 -6.97 -19.51 12.64
C ILE A 223 -8.49 -19.50 12.79
N PHE A 224 -9.10 -20.66 12.63
CA PHE A 224 -10.54 -20.81 12.72
C PHE A 224 -10.87 -21.77 13.86
N VAL A 225 -11.75 -21.36 14.76
CA VAL A 225 -12.10 -22.15 15.93
C VAL A 225 -13.57 -22.53 15.84
N VAL A 226 -13.85 -23.82 16.01
CA VAL A 226 -15.20 -24.38 15.92
C VAL A 226 -15.48 -25.18 17.19
N ASP A 227 -16.70 -25.08 17.70
CA ASP A 227 -17.17 -25.89 18.80
C ASP A 227 -17.94 -27.07 18.21
N SER A 228 -17.32 -28.25 18.22
CA SER A 228 -17.89 -29.42 17.58
C SER A 228 -18.85 -30.20 18.48
N SER A 229 -18.93 -29.88 19.76
CA SER A 229 -19.82 -30.62 20.65
C SER A 229 -21.27 -30.24 20.44
N ASP A 230 -21.53 -29.02 19.95
CA ASP A 230 -22.89 -28.51 19.77
C ASP A 230 -23.27 -28.66 18.31
N TYR A 231 -24.14 -29.63 18.02
CA TYR A 231 -24.57 -29.86 16.65
C TYR A 231 -25.67 -28.90 16.19
N ASN A 232 -26.31 -28.19 17.11
CA ASN A 232 -27.33 -27.22 16.69
C ASN A 232 -26.74 -26.10 15.86
N ARG A 233 -25.50 -25.71 16.15
CA ARG A 233 -24.84 -24.60 15.46
C ARG A 233 -23.72 -25.07 14.54
N LEU A 234 -23.65 -26.37 14.23
CA LEU A 234 -22.61 -26.86 13.35
C LEU A 234 -22.79 -26.36 11.92
N GLN A 235 -24.04 -26.29 11.45
CA GLN A 235 -24.28 -25.78 10.10
C GLN A 235 -23.88 -24.33 9.97
N GLU A 236 -24.11 -23.52 11.02
CA GLU A 236 -23.67 -22.13 10.98
C GLU A 236 -22.15 -22.03 10.87
N ALA A 237 -21.43 -22.87 11.62
CA ALA A 237 -19.97 -22.88 11.51
C ALA A 237 -19.51 -23.34 10.14
N LEU A 238 -20.19 -24.34 9.57
CA LEU A 238 -19.87 -24.78 8.22
C LEU A 238 -20.06 -23.65 7.20
N ASN A 239 -21.15 -22.89 7.33
CA ASN A 239 -21.39 -21.77 6.44
C ASN A 239 -20.34 -20.69 6.62
N ASP A 240 -19.94 -20.42 7.87
CA ASP A 240 -18.87 -19.45 8.12
C ASP A 240 -17.58 -19.88 7.45
N PHE A 241 -17.21 -21.16 7.60
CA PHE A 241 -15.99 -21.66 6.99
C PHE A 241 -16.06 -21.59 5.46
N LYS A 242 -17.21 -21.95 4.88
CA LYS A 242 -17.35 -21.88 3.43
C LYS A 242 -17.22 -20.45 2.93
N SER A 243 -17.85 -19.49 3.62
CA SER A 243 -17.77 -18.10 3.21
C SER A 243 -16.35 -17.55 3.35
N ILE A 244 -15.64 -17.93 4.41
CA ILE A 244 -14.24 -17.50 4.54
C ILE A 244 -13.38 -18.13 3.46
N TRP A 245 -13.58 -19.41 3.16
CA TRP A 245 -12.75 -20.10 2.18
C TRP A 245 -12.93 -19.52 0.79
N ASN A 246 -14.18 -19.27 0.39
CA ASN A 246 -14.45 -18.83 -0.98
C ASN A 246 -14.26 -17.32 -1.18
N ASN A 247 -13.66 -16.62 -0.22
CA ASN A 247 -13.56 -15.17 -0.31
C ASN A 247 -12.66 -14.76 -1.48
N ARG A 248 -12.95 -13.59 -2.05
CA ARG A 248 -12.20 -13.08 -3.19
C ARG A 248 -10.83 -12.53 -2.79
N TRP A 249 -10.73 -11.87 -1.64
CA TRP A 249 -9.47 -11.33 -1.17
C TRP A 249 -8.70 -12.30 -0.29
N LEU A 250 -9.38 -13.28 0.29
CA LEU A 250 -8.76 -14.32 1.10
C LEU A 250 -8.50 -15.58 0.27
N ARG A 251 -8.26 -15.42 -1.02
CA ARG A 251 -8.11 -16.52 -1.97
C ARG A 251 -6.70 -17.10 -1.98
N THR A 252 -5.79 -16.54 -1.20
CA THR A 252 -4.45 -17.08 -1.05
C THR A 252 -4.11 -17.46 0.38
N ILE A 253 -4.83 -16.95 1.37
CA ILE A 253 -4.58 -17.27 2.77
C ILE A 253 -5.09 -18.68 3.06
N SER A 254 -4.38 -19.39 3.93
CA SER A 254 -4.70 -20.77 4.25
C SER A 254 -5.17 -20.87 5.69
N VAL A 255 -6.28 -21.55 5.90
CA VAL A 255 -6.92 -21.62 7.21
C VAL A 255 -6.27 -22.70 8.06
N ILE A 256 -6.33 -22.53 9.38
CA ILE A 256 -5.84 -23.51 10.35
C ILE A 256 -7.02 -23.87 11.24
N LEU A 257 -7.74 -24.93 10.88
CA LEU A 257 -8.96 -25.30 11.59
C LEU A 257 -8.64 -25.86 12.97
N PHE A 258 -9.34 -25.37 13.99
CA PHE A 258 -9.17 -25.79 15.38
C PHE A 258 -10.50 -26.30 15.90
N LEU A 259 -10.76 -27.59 15.70
CA LEU A 259 -11.99 -28.21 16.20
C LEU A 259 -11.87 -28.35 17.71
N ASN A 260 -12.53 -27.45 18.44
CA ASN A 260 -12.36 -27.30 19.88
C ASN A 260 -13.37 -28.15 20.64
N LYS A 261 -13.16 -28.22 21.96
CA LYS A 261 -14.05 -28.92 22.89
C LYS A 261 -14.22 -30.39 22.50
N GLN A 262 -13.09 -31.10 22.51
CA GLN A 262 -13.13 -32.53 22.17
C GLN A 262 -13.66 -33.37 23.32
N ASP A 263 -13.33 -33.02 24.56
CA ASP A 263 -13.82 -33.77 25.71
C ASP A 263 -15.35 -33.68 25.80
N LEU A 264 -15.91 -32.51 25.54
CA LEU A 264 -17.36 -32.37 25.56
C LEU A 264 -18.02 -33.24 24.50
N LEU A 265 -17.45 -33.27 23.30
CA LEU A 265 -17.99 -34.12 22.24
C LEU A 265 -17.91 -35.59 22.62
N ALA A 266 -16.78 -36.02 23.17
CA ALA A 266 -16.63 -37.41 23.57
C ALA A 266 -17.63 -37.79 24.64
N GLU A 267 -17.78 -36.94 25.66
CA GLU A 267 -18.72 -37.23 26.74
C GLU A 267 -20.16 -37.27 26.23
N LYS A 268 -20.54 -36.31 25.39
CA LYS A 268 -21.90 -36.26 24.90
C LYS A 268 -22.22 -37.42 23.94
N VAL A 269 -21.21 -37.92 23.21
CA VAL A 269 -21.45 -39.06 22.33
C VAL A 269 -21.53 -40.34 23.13
N LEU A 270 -20.58 -40.58 24.04
CA LEU A 270 -20.58 -41.82 24.79
C LEU A 270 -21.71 -41.88 25.82
N ALA A 271 -22.26 -40.74 26.21
CA ALA A 271 -23.37 -40.74 27.17
C ALA A 271 -24.72 -40.92 26.49
N GLY A 272 -24.75 -41.01 25.17
CA GLY A 272 -25.99 -41.22 24.46
C GLY A 272 -26.76 -39.93 24.24
N LYS A 273 -28.05 -40.10 23.92
CA LYS A 273 -29.03 -39.01 23.75
C LYS A 273 -28.50 -37.88 22.87
N SER A 274 -27.60 -38.20 21.93
CA SER A 274 -27.04 -37.19 21.05
C SER A 274 -27.74 -37.22 19.69
N LYS A 275 -27.68 -38.36 19.01
CA LYS A 275 -28.35 -38.56 17.73
C LYS A 275 -27.92 -37.53 16.68
N ILE A 276 -26.65 -37.60 16.27
CA ILE A 276 -26.13 -36.70 15.25
C ILE A 276 -26.92 -36.79 13.95
N GLU A 277 -27.56 -37.92 13.69
CA GLU A 277 -28.36 -38.09 12.48
C GLU A 277 -29.57 -37.16 12.44
N ASP A 278 -29.96 -36.56 13.57
CA ASP A 278 -31.09 -35.65 13.56
C ASP A 278 -30.81 -34.41 12.72
N TYR A 279 -29.58 -33.88 12.80
CA TYR A 279 -29.20 -32.68 12.08
C TYR A 279 -28.52 -32.99 10.74
N PHE A 280 -27.69 -34.02 10.69
CA PHE A 280 -27.06 -34.44 9.44
C PHE A 280 -27.64 -35.79 9.02
N PRO A 281 -28.49 -35.83 7.99
CA PRO A 281 -29.13 -37.10 7.63
C PRO A 281 -28.18 -38.13 7.06
N GLU A 282 -26.98 -37.74 6.61
CA GLU A 282 -26.07 -38.63 5.92
C GLU A 282 -25.14 -39.36 6.87
N PHE A 283 -25.31 -39.20 8.18
CA PHE A 283 -24.47 -39.87 9.16
C PHE A 283 -24.88 -41.31 9.43
N ALA A 284 -26.07 -41.70 8.99
CA ALA A 284 -26.55 -43.07 9.22
C ALA A 284 -25.87 -44.09 8.31
N ARG A 285 -25.11 -43.65 7.31
CA ARG A 285 -24.41 -44.54 6.40
C ARG A 285 -22.96 -44.08 6.21
N TYR A 286 -22.26 -43.79 7.29
CA TYR A 286 -20.87 -43.37 7.25
C TYR A 286 -20.03 -44.38 8.01
N THR A 287 -18.91 -44.79 7.41
CA THR A 287 -18.00 -45.77 8.00
C THR A 287 -16.63 -45.15 8.16
N THR A 288 -15.96 -45.48 9.26
CA THR A 288 -14.67 -44.90 9.58
C THR A 288 -13.64 -45.25 8.50
N PRO A 289 -12.74 -44.33 8.15
CA PRO A 289 -11.68 -44.67 7.19
C PRO A 289 -10.63 -45.59 7.79
N GLU A 290 -10.88 -46.90 7.72
CA GLU A 290 -10.06 -47.94 8.32
C GLU A 290 -8.57 -47.78 8.04
N ASP A 291 -8.21 -47.17 6.91
CA ASP A 291 -6.81 -47.01 6.57
C ASP A 291 -6.11 -46.08 7.56
N ALA A 292 -6.72 -44.93 7.84
CA ALA A 292 -6.15 -43.94 8.77
C ALA A 292 -7.05 -43.84 10.00
N THR A 293 -6.71 -44.62 11.02
CA THR A 293 -7.43 -44.63 12.29
C THR A 293 -6.46 -44.55 13.47
N PRO A 294 -5.76 -43.42 13.63
CA PRO A 294 -4.86 -43.25 14.77
C PRO A 294 -5.60 -42.73 15.99
N GLU A 295 -5.60 -43.52 17.07
CA GLU A 295 -6.22 -43.11 18.32
C GLU A 295 -5.57 -43.87 19.47
N PRO A 296 -5.11 -43.17 20.52
CA PRO A 296 -4.45 -43.83 21.66
C PRO A 296 -5.43 -44.31 22.74
N GLY A 297 -6.16 -45.37 22.42
CA GLY A 297 -7.08 -45.96 23.38
C GLY A 297 -8.33 -45.15 23.62
N GLU A 298 -9.17 -45.00 22.60
CA GLU A 298 -10.42 -44.27 22.70
C GLU A 298 -11.55 -45.16 22.17
N ASP A 299 -12.76 -44.86 22.63
CA ASP A 299 -13.92 -45.65 22.26
C ASP A 299 -14.19 -45.49 20.76
N PRO A 300 -14.53 -46.57 20.05
CA PRO A 300 -14.71 -46.49 18.60
C PRO A 300 -15.93 -45.67 18.17
N ARG A 301 -16.89 -45.40 19.05
CA ARG A 301 -18.05 -44.62 18.65
C ARG A 301 -17.74 -43.14 18.48
N VAL A 302 -16.88 -42.58 19.33
CA VAL A 302 -16.54 -41.17 19.22
C VAL A 302 -15.68 -40.92 17.98
N THR A 303 -14.87 -41.90 17.57
CA THR A 303 -14.01 -41.75 16.41
C THR A 303 -14.83 -41.51 15.16
N ARG A 304 -15.94 -42.22 15.00
CA ARG A 304 -16.79 -42.03 13.83
C ARG A 304 -17.31 -40.60 13.77
N ALA A 305 -17.74 -40.05 14.92
CA ALA A 305 -18.27 -38.69 14.94
C ALA A 305 -17.18 -37.67 14.63
N LYS A 306 -16.01 -37.82 15.27
CA LYS A 306 -14.91 -36.88 15.02
C LYS A 306 -14.54 -36.88 13.54
N TYR A 307 -14.40 -38.07 12.95
CA TYR A 307 -13.99 -38.14 11.56
C TYR A 307 -15.10 -37.68 10.62
N PHE A 308 -16.36 -37.84 11.02
CA PHE A 308 -17.45 -37.29 10.22
C PHE A 308 -17.40 -35.77 10.17
N ILE A 309 -17.18 -35.14 11.33
CA ILE A 309 -17.12 -33.67 11.38
C ILE A 309 -15.92 -33.16 10.59
N ARG A 310 -14.75 -33.77 10.80
CA ARG A 310 -13.57 -33.37 10.04
C ARG A 310 -13.77 -33.60 8.56
N LYS A 311 -14.48 -34.67 8.18
CA LYS A 311 -14.75 -34.93 6.77
C LYS A 311 -15.66 -33.86 6.17
N GLU A 312 -16.66 -33.40 6.93
CA GLU A 312 -17.49 -32.30 6.45
C GLU A 312 -16.65 -31.06 6.17
N PHE A 313 -15.81 -30.68 7.14
CA PHE A 313 -15.01 -29.47 6.97
C PHE A 313 -14.02 -29.62 5.82
N VAL A 314 -13.37 -30.78 5.70
CA VAL A 314 -12.41 -31.02 4.63
C VAL A 314 -13.09 -31.10 3.27
N ASP A 315 -14.32 -31.62 3.20
CA ASP A 315 -15.06 -31.61 1.95
C ASP A 315 -15.34 -30.19 1.50
N ILE A 316 -15.75 -29.33 2.44
CA ILE A 316 -15.90 -27.91 2.09
C ILE A 316 -14.58 -27.32 1.63
N SER A 317 -13.49 -27.70 2.29
CA SER A 317 -12.17 -27.17 1.94
C SER A 317 -11.76 -27.56 0.52
N THR A 318 -11.95 -28.81 0.16
CA THR A 318 -11.47 -29.35 -1.12
C THR A 318 -12.49 -29.28 -2.25
N ALA A 319 -13.70 -28.76 -1.98
CA ALA A 319 -14.68 -28.60 -3.05
C ALA A 319 -14.16 -27.66 -4.12
N SER A 320 -13.57 -26.53 -3.72
CA SER A 320 -12.99 -25.58 -4.66
C SER A 320 -11.84 -24.87 -3.94
N GLY A 321 -10.62 -25.35 -4.17
CA GLY A 321 -9.45 -24.75 -3.56
C GLY A 321 -8.43 -24.27 -4.56
N ASP A 322 -8.40 -24.90 -5.74
CA ASP A 322 -7.52 -24.59 -6.86
C ASP A 322 -6.05 -24.85 -6.56
N GLY A 323 -5.71 -25.34 -5.38
CA GLY A 323 -4.33 -25.64 -5.06
C GLY A 323 -3.48 -24.43 -4.70
N ARG A 324 -4.10 -23.36 -4.19
CA ARG A 324 -3.36 -22.18 -3.74
C ARG A 324 -3.32 -22.03 -2.23
N HIS A 325 -4.24 -22.66 -1.51
CA HIS A 325 -4.24 -22.62 -0.06
C HIS A 325 -4.82 -23.92 0.48
N ILE A 326 -4.37 -24.30 1.68
CA ILE A 326 -4.67 -25.59 2.26
C ILE A 326 -5.25 -25.39 3.65
N CYS A 327 -6.22 -26.22 4.02
CA CYS A 327 -6.78 -26.23 5.36
C CYS A 327 -6.07 -27.30 6.18
N TYR A 328 -5.70 -26.95 7.42
CA TYR A 328 -4.94 -27.84 8.29
C TYR A 328 -5.78 -28.15 9.52
N PRO A 329 -6.63 -29.18 9.48
CA PRO A 329 -7.51 -29.46 10.61
C PRO A 329 -6.75 -30.02 11.80
N HIS A 330 -7.34 -29.83 12.98
CA HIS A 330 -6.75 -30.28 14.23
C HIS A 330 -7.87 -30.68 15.18
N PHE A 331 -7.48 -31.20 16.34
CA PHE A 331 -8.41 -31.63 17.38
C PHE A 331 -7.87 -31.14 18.71
N THR A 332 -8.59 -30.21 19.34
CA THR A 332 -8.09 -29.50 20.51
C THR A 332 -9.07 -29.59 21.67
N CYS A 333 -8.54 -29.59 22.88
CA CYS A 333 -9.32 -29.55 24.11
C CYS A 333 -9.09 -28.21 24.79
N SER A 334 -9.71 -28.04 25.96
CA SER A 334 -9.53 -26.82 26.74
C SER A 334 -8.19 -26.79 27.48
N VAL A 335 -7.70 -27.94 27.93
CA VAL A 335 -6.47 -28.01 28.70
C VAL A 335 -5.28 -28.40 27.83
N ASP A 336 -5.43 -28.36 26.52
CA ASP A 336 -4.35 -28.71 25.60
C ASP A 336 -3.24 -27.67 25.69
N THR A 337 -1.99 -28.14 25.76
CA THR A 337 -0.85 -27.25 25.90
C THR A 337 -0.06 -27.09 24.60
N GLU A 338 -0.12 -28.06 23.69
CA GLU A 338 0.65 -27.99 22.45
C GLU A 338 -0.14 -27.33 21.34
N ASN A 339 -0.67 -26.14 21.60
CA ASN A 339 -1.36 -25.36 20.58
C ASN A 339 -0.47 -24.31 19.94
N ALA A 340 0.63 -23.93 20.59
CA ALA A 340 1.57 -22.97 20.04
C ALA A 340 2.58 -23.60 19.11
N ARG A 341 2.62 -24.92 19.03
CA ARG A 341 3.52 -25.62 18.11
C ARG A 341 2.85 -26.06 16.83
N ARG A 342 1.56 -26.38 16.87
CA ARG A 342 0.83 -26.66 15.63
C ARG A 342 0.77 -25.43 14.74
N ILE A 343 0.56 -24.25 15.34
CA ILE A 343 0.61 -23.01 14.58
C ILE A 343 1.96 -22.86 13.89
N PHE A 344 3.04 -23.12 14.62
CA PHE A 344 4.37 -22.99 14.04
C PHE A 344 4.60 -23.98 12.90
N ASN A 345 4.17 -25.24 13.09
CA ASN A 345 4.37 -26.24 12.05
C ASN A 345 3.58 -25.90 10.79
N ASP A 346 2.31 -25.50 10.95
CA ASP A 346 1.53 -25.15 9.78
C ASP A 346 2.05 -23.88 9.11
N CYS A 347 2.55 -22.91 9.89
CA CYS A 347 3.13 -21.72 9.28
C CYS A 347 4.40 -22.04 8.51
N LYS A 348 5.23 -22.93 9.04
CA LYS A 348 6.43 -23.35 8.32
C LYS A 348 6.06 -24.05 7.02
N ASP A 349 5.02 -24.88 7.05
CA ASP A 349 4.56 -25.52 5.82
C ASP A 349 4.01 -24.51 4.82
N ILE A 350 3.30 -23.49 5.31
CA ILE A 350 2.78 -22.44 4.42
C ILE A 350 3.93 -21.71 3.73
N ILE A 351 4.97 -21.37 4.51
CA ILE A 351 6.12 -20.69 3.95
C ILE A 351 6.84 -21.57 2.94
N LEU A 352 6.97 -22.87 3.25
CA LEU A 352 7.61 -23.79 2.32
C LEU A 352 6.83 -23.89 1.01
N GLN A 353 5.49 -23.92 1.10
CA GLN A 353 4.69 -23.93 -0.12
C GLN A 353 4.83 -22.62 -0.90
N MET A 354 4.96 -21.48 -0.20
CA MET A 354 5.20 -20.23 -0.90
C MET A 354 6.52 -20.27 -1.67
N ASN A 355 7.57 -20.80 -1.04
CA ASN A 355 8.86 -20.93 -1.72
C ASN A 355 8.76 -21.86 -2.93
N LEU A 356 8.08 -23.00 -2.77
CA LEU A 356 7.91 -23.93 -3.87
C LEU A 356 7.16 -23.30 -5.03
N ARG A 357 6.11 -22.52 -4.75
CA ARG A 357 5.41 -21.81 -5.81
C ARG A 357 6.27 -20.73 -6.44
N GLU A 358 7.15 -20.09 -5.66
CA GLU A 358 8.06 -19.09 -6.22
C GLU A 358 9.02 -19.72 -7.21
N TYR A 359 9.56 -20.90 -6.90
CA TYR A 359 10.51 -21.56 -7.78
C TYR A 359 9.84 -22.50 -8.78
N ASN A 360 8.52 -22.39 -8.95
CA ASN A 360 7.78 -23.09 -10.01
C ASN A 360 7.86 -24.61 -9.86
N LEU A 361 7.99 -25.11 -8.64
CA LEU A 361 8.02 -26.55 -8.41
C LEU A 361 6.64 -27.12 -8.14
N VAL A 362 5.71 -26.33 -7.61
CA VAL A 362 4.34 -26.78 -7.40
C VAL A 362 3.36 -25.76 -7.98
N LEU B 25 -46.74 0.06 13.73
CA LEU B 25 -46.16 -0.90 12.79
C LEU B 25 -47.29 -1.43 11.91
N ASP B 26 -48.52 -1.35 12.41
CA ASP B 26 -49.68 -1.86 11.67
C ASP B 26 -49.85 -1.13 10.35
N GLN B 27 -50.02 0.19 10.40
CA GLN B 27 -50.23 1.00 9.21
C GLN B 27 -49.07 1.94 8.91
N LEU B 28 -48.03 1.96 9.75
CA LEU B 28 -46.89 2.83 9.51
C LEU B 28 -46.15 2.43 8.23
N ARG B 29 -45.98 1.13 8.00
CA ARG B 29 -45.31 0.66 6.80
C ARG B 29 -46.07 1.01 5.53
N GLN B 30 -47.39 1.10 5.59
CA GLN B 30 -48.19 1.51 4.44
C GLN B 30 -48.08 3.00 4.17
N GLU B 31 -48.13 3.82 5.22
CA GLU B 31 -47.96 5.26 5.05
C GLU B 31 -46.57 5.61 4.54
N ALA B 32 -45.54 4.91 5.03
CA ALA B 32 -44.19 5.15 4.53
C ALA B 32 -44.09 4.83 3.04
N GLU B 33 -44.70 3.72 2.61
CA GLU B 33 -44.68 3.38 1.19
C GLU B 33 -45.47 4.38 0.37
N GLN B 34 -46.60 4.87 0.89
CA GLN B 34 -47.37 5.90 0.17
C GLN B 34 -46.55 7.17 0.01
N LEU B 35 -45.85 7.59 1.07
CA LEU B 35 -45.00 8.78 0.97
C LEU B 35 -43.84 8.56 0.01
N LYS B 36 -43.25 7.36 0.00
CA LYS B 36 -42.19 7.07 -0.96
C LYS B 36 -42.71 7.14 -2.40
N ASN B 37 -43.92 6.61 -2.64
CA ASN B 37 -44.51 6.71 -3.96
C ASN B 37 -44.80 8.16 -4.34
N GLN B 38 -45.26 8.97 -3.39
CA GLN B 38 -45.47 10.39 -3.65
C GLN B 38 -44.16 11.08 -4.03
N ILE B 39 -43.07 10.78 -3.30
CA ILE B 39 -41.78 11.36 -3.62
C ILE B 39 -41.32 10.94 -5.01
N ARG B 40 -41.51 9.65 -5.34
CA ARG B 40 -41.11 9.16 -6.66
C ARG B 40 -41.88 9.86 -7.76
N ASP B 41 -43.20 10.04 -7.57
CA ASP B 41 -44.00 10.73 -8.58
C ASP B 41 -43.61 12.20 -8.70
N ALA B 42 -43.30 12.85 -7.57
CA ALA B 42 -42.87 14.24 -7.63
C ALA B 42 -41.54 14.37 -8.37
N ARG B 43 -40.61 13.45 -8.15
CA ARG B 43 -39.37 13.46 -8.89
C ARG B 43 -39.60 13.17 -10.38
N LYS B 44 -40.54 12.29 -10.70
CA LYS B 44 -40.85 12.00 -12.09
C LYS B 44 -41.45 13.21 -12.79
N ALA B 45 -42.27 14.00 -12.09
CA ALA B 45 -42.94 15.13 -12.70
C ALA B 45 -41.98 16.27 -13.05
N CYS B 46 -40.76 16.26 -12.51
CA CYS B 46 -39.78 17.31 -12.75
C CYS B 46 -38.66 16.86 -13.67
N ALA B 47 -38.89 15.85 -14.49
CA ALA B 47 -37.88 15.33 -15.41
C ALA B 47 -38.46 15.33 -16.81
N ASP B 48 -38.24 16.44 -17.54
CA ASP B 48 -38.72 16.57 -18.91
C ASP B 48 -37.65 16.26 -19.95
N ALA B 49 -36.39 16.54 -19.65
CA ALA B 49 -35.30 16.27 -20.57
C ALA B 49 -34.14 15.65 -19.78
N THR B 50 -33.33 14.88 -20.49
CA THR B 50 -32.19 14.19 -19.91
C THR B 50 -30.89 14.93 -20.24
N LEU B 51 -29.92 14.81 -19.34
CA LEU B 51 -28.62 15.44 -19.57
C LEU B 51 -27.92 14.83 -20.78
N SER B 52 -28.31 13.60 -21.17
CA SER B 52 -27.75 12.97 -22.35
C SER B 52 -28.08 13.74 -23.63
N GLN B 53 -29.27 14.34 -23.71
CA GLN B 53 -29.72 15.03 -24.90
C GLN B 53 -29.39 16.52 -24.89
N ILE B 54 -29.47 17.17 -23.72
CA ILE B 54 -29.15 18.58 -23.64
C ILE B 54 -27.67 18.81 -23.91
N THR B 55 -26.81 17.88 -23.52
CA THR B 55 -25.37 18.00 -23.72
C THR B 55 -24.93 17.14 -24.91
N ASN B 56 -25.76 17.13 -25.96
CA ASN B 56 -25.45 16.40 -27.18
C ASN B 56 -24.67 17.22 -28.19
N ASN B 57 -24.92 18.53 -28.25
CA ASN B 57 -24.20 19.42 -29.18
C ASN B 57 -22.97 20.03 -28.53
N ILE B 58 -22.12 19.17 -27.97
CA ILE B 58 -20.89 19.60 -27.30
C ILE B 58 -19.72 18.83 -27.90
N ASP B 59 -18.65 19.55 -28.22
CA ASP B 59 -17.48 18.91 -28.79
C ASP B 59 -16.81 18.01 -27.76
N PRO B 60 -16.59 16.74 -28.06
CA PRO B 60 -15.93 15.85 -27.10
C PRO B 60 -14.47 16.24 -26.89
N VAL B 61 -13.93 15.80 -25.76
CA VAL B 61 -12.54 16.12 -25.42
C VAL B 61 -11.54 15.27 -26.18
N GLY B 62 -12.00 14.39 -27.06
CA GLY B 62 -11.11 13.56 -27.84
C GLY B 62 -10.50 12.43 -27.02
N ARG B 63 -9.20 12.53 -26.74
CA ARG B 63 -8.50 11.53 -25.93
C ARG B 63 -7.56 12.25 -24.99
N ILE B 64 -7.74 12.05 -23.69
CA ILE B 64 -6.88 12.65 -22.67
C ILE B 64 -5.86 11.60 -22.28
N GLN B 65 -4.60 11.81 -22.67
CA GLN B 65 -3.51 10.92 -22.33
C GLN B 65 -2.60 11.58 -21.29
N MET B 66 -2.29 10.84 -20.24
CA MET B 66 -1.43 11.32 -19.16
C MET B 66 -0.28 10.36 -18.96
N ARG B 67 0.82 10.88 -18.43
CA ARG B 67 2.01 10.07 -18.23
C ARG B 67 2.56 10.31 -16.83
N THR B 68 3.19 9.28 -16.28
CA THR B 68 3.68 9.31 -14.90
C THR B 68 4.83 10.30 -14.80
N ARG B 69 4.56 11.47 -14.20
CA ARG B 69 5.63 12.43 -13.96
C ARG B 69 6.52 12.00 -12.80
N ARG B 70 5.93 11.50 -11.72
CA ARG B 70 6.71 11.09 -10.57
C ARG B 70 6.22 9.75 -10.05
N THR B 71 7.13 9.00 -9.42
CA THR B 71 6.80 7.74 -8.78
C THR B 71 7.37 7.78 -7.36
N LEU B 72 6.50 7.79 -6.37
CA LEU B 72 6.89 7.84 -4.97
C LEU B 72 6.93 6.43 -4.41
N ARG B 73 8.11 6.03 -3.91
CA ARG B 73 8.35 4.72 -3.34
C ARG B 73 8.78 4.86 -1.89
N GLY B 74 8.50 3.83 -1.09
CA GLY B 74 8.92 3.85 0.29
C GLY B 74 7.97 3.20 1.27
N HIS B 75 6.78 2.82 0.83
CA HIS B 75 5.82 2.15 1.69
C HIS B 75 6.04 0.64 1.64
N LEU B 76 5.86 -0.02 2.79
CA LEU B 76 6.10 -1.45 2.91
C LEU B 76 4.90 -2.30 2.56
N ALA B 77 3.70 -1.82 2.83
CA ALA B 77 2.46 -2.58 2.60
C ALA B 77 1.54 -1.76 1.71
N LYS B 78 0.30 -2.23 1.58
CA LYS B 78 -0.66 -1.57 0.70
C LYS B 78 -0.99 -0.17 1.21
N ILE B 79 -1.33 0.71 0.28
CA ILE B 79 -1.68 2.10 0.57
C ILE B 79 -3.19 2.20 0.60
N TYR B 80 -3.74 2.79 1.66
CA TYR B 80 -5.18 2.84 1.81
C TYR B 80 -5.80 4.22 1.64
N ALA B 81 -5.03 5.30 1.80
CA ALA B 81 -5.61 6.63 1.66
C ALA B 81 -4.52 7.65 1.31
N MET B 82 -4.95 8.77 0.75
CA MET B 82 -4.08 9.89 0.45
C MET B 82 -4.90 11.17 0.46
N HIS B 83 -4.22 12.31 0.65
CA HIS B 83 -4.85 13.61 0.61
C HIS B 83 -3.84 14.66 0.18
N TRP B 84 -4.18 15.44 -0.84
CA TRP B 84 -3.32 16.52 -1.28
C TRP B 84 -3.32 17.66 -0.27
N GLY B 85 -2.19 18.34 -0.16
CA GLY B 85 -2.14 19.56 0.62
C GLY B 85 -2.84 20.69 -0.09
N THR B 86 -3.07 21.77 0.66
CA THR B 86 -3.78 22.92 0.11
C THR B 86 -2.89 23.79 -0.76
N ASP B 87 -1.58 23.61 -0.72
CA ASP B 87 -0.65 24.36 -1.56
C ASP B 87 -0.27 23.62 -2.83
N SER B 88 -0.88 22.46 -3.07
CA SER B 88 -0.68 21.68 -4.30
C SER B 88 0.74 21.16 -4.45
N ARG B 89 1.49 21.09 -3.36
CA ARG B 89 2.85 20.59 -3.42
C ARG B 89 3.10 19.46 -2.44
N LEU B 90 2.51 19.52 -1.26
CA LEU B 90 2.67 18.49 -0.24
C LEU B 90 1.47 17.53 -0.28
N LEU B 91 1.72 16.29 0.13
CA LEU B 91 0.66 15.29 0.21
C LEU B 91 1.01 14.30 1.30
N VAL B 92 -0.01 13.61 1.81
CA VAL B 92 0.13 12.64 2.88
C VAL B 92 -0.47 11.32 2.42
N SER B 93 0.19 10.22 2.80
CA SER B 93 -0.26 8.89 2.44
C SER B 93 -0.20 7.95 3.63
N ALA B 94 -1.21 7.10 3.76
CA ALA B 94 -1.35 6.17 4.86
C ALA B 94 -1.24 4.74 4.34
N SER B 95 -0.42 3.93 5.01
CA SER B 95 -0.21 2.55 4.59
C SER B 95 -0.61 1.59 5.70
N GLN B 96 -0.77 0.33 5.33
CA GLN B 96 -1.26 -0.71 6.22
C GLN B 96 -0.18 -1.31 7.11
N ASP B 97 1.07 -0.90 6.98
CA ASP B 97 2.10 -1.30 7.91
C ASP B 97 2.19 -0.34 9.10
N GLY B 98 1.33 0.66 9.14
CA GLY B 98 1.28 1.59 10.26
C GLY B 98 2.19 2.79 10.07
N LYS B 99 2.11 3.44 8.90
CA LYS B 99 2.92 4.62 8.64
C LYS B 99 2.14 5.65 7.84
N LEU B 100 2.25 6.90 8.26
CA LEU B 100 1.91 8.06 7.44
C LEU B 100 3.21 8.63 6.89
N ILE B 101 3.18 9.06 5.63
CA ILE B 101 4.33 9.71 5.03
C ILE B 101 3.86 10.99 4.35
N ILE B 102 4.52 12.09 4.66
CA ILE B 102 4.25 13.39 4.04
C ILE B 102 5.38 13.66 3.06
N TRP B 103 5.04 13.66 1.77
CA TRP B 103 6.00 13.78 0.67
C TRP B 103 6.13 15.22 0.21
N ASP B 104 7.07 15.43 -0.68
CA ASP B 104 7.21 16.66 -1.46
C ASP B 104 7.05 16.25 -2.92
N SER B 105 5.87 16.50 -3.49
CA SER B 105 5.54 15.95 -4.80
C SER B 105 6.36 16.55 -5.93
N TYR B 106 7.07 17.65 -5.70
CA TYR B 106 7.88 18.24 -6.76
C TYR B 106 9.23 17.54 -6.87
N THR B 107 9.89 17.29 -5.75
CA THR B 107 11.21 16.69 -5.72
C THR B 107 11.22 15.27 -5.17
N THR B 108 10.05 14.69 -4.86
CA THR B 108 9.92 13.34 -4.33
C THR B 108 10.68 13.15 -3.01
N ASN B 109 10.90 14.23 -2.28
CA ASN B 109 11.52 14.12 -0.97
C ASN B 109 10.49 13.66 0.06
N LYS B 110 10.98 13.12 1.17
CA LYS B 110 10.15 12.68 2.27
C LYS B 110 10.24 13.75 3.36
N VAL B 111 9.23 14.62 3.44
CA VAL B 111 9.24 15.66 4.46
C VAL B 111 9.06 15.06 5.84
N HIS B 112 8.09 14.16 6.00
CA HIS B 112 7.82 13.57 7.31
C HIS B 112 7.50 12.09 7.17
N ALA B 113 7.82 11.32 8.20
CA ALA B 113 7.45 9.91 8.31
C ALA B 113 6.99 9.65 9.74
N ILE B 114 5.69 9.44 9.91
CA ILE B 114 5.05 9.34 11.22
C ILE B 114 4.65 7.89 11.45
N PRO B 115 5.13 7.24 12.51
CA PRO B 115 4.65 5.89 12.86
C PRO B 115 3.38 5.96 13.68
N LEU B 116 2.50 4.99 13.45
CA LEU B 116 1.19 4.95 14.08
C LEU B 116 1.16 3.92 15.21
N ARG B 117 0.16 4.06 16.07
CA ARG B 117 -0.04 3.14 17.18
C ARG B 117 -0.83 1.90 16.77
N SER B 118 -1.80 2.05 15.86
CA SER B 118 -2.53 0.93 15.30
C SER B 118 -2.25 0.87 13.81
N SER B 119 -1.86 -0.31 13.31
CA SER B 119 -1.40 -0.48 11.95
C SER B 119 -2.52 -0.77 10.97
N TRP B 120 -3.78 -0.70 11.41
CA TRP B 120 -4.93 -0.94 10.54
C TRP B 120 -5.62 0.40 10.34
N VAL B 121 -5.22 1.13 9.30
CA VAL B 121 -5.74 2.46 9.00
C VAL B 121 -6.31 2.48 7.60
N MET B 122 -7.43 3.17 7.43
CA MET B 122 -8.09 3.29 6.14
C MET B 122 -8.39 4.73 5.73
N THR B 123 -7.90 5.72 6.46
CA THR B 123 -8.21 7.09 6.10
C THR B 123 -7.10 8.01 6.59
N CYS B 124 -6.94 9.13 5.90
CA CYS B 124 -6.01 10.18 6.28
C CYS B 124 -6.49 11.50 5.70
N ALA B 125 -6.14 12.59 6.37
CA ALA B 125 -6.63 13.90 5.98
C ALA B 125 -5.61 14.97 6.34
N TYR B 126 -5.50 15.98 5.47
CA TYR B 126 -4.62 17.12 5.66
C TYR B 126 -5.44 18.33 6.07
N ALA B 127 -4.99 19.04 7.10
CA ALA B 127 -5.70 20.23 7.54
C ALA B 127 -5.61 21.33 6.48
N PRO B 128 -6.66 22.12 6.31
CA PRO B 128 -6.61 23.20 5.30
C PRO B 128 -5.52 24.22 5.57
N SER B 129 -5.22 24.51 6.84
CA SER B 129 -4.14 25.44 7.14
C SER B 129 -2.78 24.79 6.90
N GLY B 130 -2.68 23.48 7.13
CA GLY B 130 -1.43 22.76 6.97
C GLY B 130 -0.71 22.48 8.27
N ASN B 131 -1.28 22.82 9.42
CA ASN B 131 -0.63 22.57 10.70
C ASN B 131 -0.86 21.17 11.22
N TYR B 132 -1.98 20.53 10.88
CA TYR B 132 -2.39 19.27 11.47
C TYR B 132 -2.60 18.22 10.38
N VAL B 133 -2.52 16.96 10.80
CA VAL B 133 -2.88 15.83 9.97
C VAL B 133 -3.75 14.90 10.81
N ALA B 134 -4.56 14.07 10.15
CA ALA B 134 -5.46 13.17 10.87
C ALA B 134 -5.45 11.79 10.22
N CYS B 135 -5.56 10.76 11.06
CA CYS B 135 -5.62 9.39 10.58
C CYS B 135 -6.54 8.55 11.46
N GLY B 136 -7.28 7.64 10.84
CA GLY B 136 -8.18 6.76 11.57
C GLY B 136 -8.17 5.38 10.95
N GLY B 137 -8.75 4.43 11.67
CA GLY B 137 -8.77 3.07 11.16
C GLY B 137 -9.66 2.09 11.90
N LEU B 138 -9.16 0.88 12.09
CA LEU B 138 -9.92 -0.24 12.63
C LEU B 138 -9.95 -0.25 14.14
N ASP B 139 -9.28 0.70 14.80
CA ASP B 139 -9.29 0.79 16.26
C ASP B 139 -10.35 1.75 16.78
N ASN B 140 -11.23 2.25 15.89
CA ASN B 140 -12.35 3.10 16.28
C ASN B 140 -11.88 4.38 16.98
N ILE B 141 -10.76 4.92 16.53
CA ILE B 141 -10.18 6.13 17.10
C ILE B 141 -9.63 6.99 15.97
N CYS B 142 -9.88 8.30 16.04
CA CYS B 142 -9.35 9.26 15.08
C CYS B 142 -8.25 10.06 15.76
N SER B 143 -7.02 9.96 15.24
CA SER B 143 -5.88 10.61 15.85
C SER B 143 -5.50 11.85 15.06
N ILE B 144 -5.31 12.96 15.77
CA ILE B 144 -4.92 14.24 15.20
C ILE B 144 -3.49 14.52 15.65
N TYR B 145 -2.59 14.65 14.67
CA TYR B 145 -1.18 14.92 14.85
C TYR B 145 -0.87 16.37 14.50
N ASN B 146 0.01 16.98 15.29
CA ASN B 146 0.39 18.38 15.14
C ASN B 146 1.74 18.44 14.43
N LEU B 147 1.75 18.99 13.21
CA LEU B 147 2.98 19.00 12.40
C LEU B 147 3.89 20.16 12.77
N LYS B 148 3.35 21.38 12.80
CA LYS B 148 4.14 22.58 13.05
C LYS B 148 4.27 22.78 14.55
N THR B 149 5.19 22.03 15.14
CA THR B 149 5.47 22.06 16.56
C THR B 149 6.88 22.56 16.80
N ARG B 150 7.13 23.10 17.98
CA ARG B 150 8.50 23.18 18.45
C ARG B 150 9.02 21.77 18.70
N GLU B 151 10.31 21.68 18.98
CA GLU B 151 11.04 20.42 19.15
C GLU B 151 11.18 19.63 17.86
N GLY B 152 10.58 20.09 16.76
CA GLY B 152 10.82 19.49 15.46
C GLY B 152 10.43 18.04 15.32
N ASN B 153 9.35 17.62 15.98
CA ASN B 153 8.84 16.27 15.80
C ASN B 153 7.32 16.32 15.69
N VAL B 154 6.76 15.31 15.03
CA VAL B 154 5.31 15.18 14.90
C VAL B 154 4.81 14.32 16.04
N ARG B 155 3.95 14.89 16.88
CA ARG B 155 3.38 14.17 18.02
C ARG B 155 1.87 14.21 17.93
N VAL B 156 1.22 13.20 18.50
CA VAL B 156 -0.23 13.11 18.48
C VAL B 156 -0.79 14.12 19.48
N SER B 157 -1.71 14.97 19.01
CA SER B 157 -2.30 16.00 19.85
C SER B 157 -3.69 15.64 20.34
N ARG B 158 -4.42 14.80 19.63
CA ARG B 158 -5.75 14.42 20.09
C ARG B 158 -6.08 13.00 19.65
N GLU B 159 -6.86 12.30 20.48
CA GLU B 159 -7.35 10.95 20.19
C GLU B 159 -8.86 10.95 20.39
N LEU B 160 -9.59 11.28 19.33
CA LEU B 160 -11.05 11.34 19.39
C LEU B 160 -11.61 9.92 19.37
N ALA B 161 -12.33 9.55 20.42
CA ALA B 161 -12.93 8.24 20.56
C ALA B 161 -14.40 8.38 20.92
N GLY B 162 -15.17 7.34 20.62
CA GLY B 162 -16.61 7.37 20.85
C GLY B 162 -17.41 6.63 19.80
N HIS B 163 -16.75 6.19 18.74
CA HIS B 163 -17.40 5.39 17.72
C HIS B 163 -17.39 3.91 18.12
N THR B 164 -18.42 3.20 17.68
CA THR B 164 -18.58 1.76 17.97
C THR B 164 -18.37 0.93 16.71
N GLY B 165 -17.42 1.34 15.88
CA GLY B 165 -17.11 0.62 14.66
C GLY B 165 -15.90 1.26 14.00
N TYR B 166 -15.40 0.59 12.97
CA TYR B 166 -14.22 1.07 12.29
C TYR B 166 -14.49 2.42 11.64
N LEU B 167 -13.45 3.23 11.53
CA LEU B 167 -13.54 4.59 11.02
C LEU B 167 -13.12 4.60 9.56
N SER B 168 -14.01 5.03 8.67
CA SER B 168 -13.78 4.94 7.24
C SER B 168 -13.48 6.26 6.58
N CYS B 169 -13.84 7.41 7.17
CA CYS B 169 -13.46 8.68 6.56
C CYS B 169 -13.33 9.76 7.63
N CYS B 170 -12.53 10.78 7.32
CA CYS B 170 -12.38 11.94 8.17
C CYS B 170 -11.94 13.13 7.34
N ARG B 171 -12.56 14.28 7.58
CA ARG B 171 -12.26 15.50 6.82
C ARG B 171 -12.28 16.70 7.75
N PHE B 172 -11.25 17.52 7.67
CA PHE B 172 -11.16 18.70 8.51
C PHE B 172 -12.11 19.79 8.03
N LEU B 173 -12.56 20.62 8.97
CA LEU B 173 -13.29 21.84 8.66
C LEU B 173 -12.44 23.06 8.96
N ASP B 174 -12.00 23.20 10.21
CA ASP B 174 -11.03 24.20 10.61
C ASP B 174 -9.91 23.43 11.31
N ASP B 175 -9.02 24.16 11.98
CA ASP B 175 -8.04 23.52 12.84
C ASP B 175 -8.65 23.04 14.15
N ASN B 176 -9.96 23.22 14.35
CA ASN B 176 -10.63 22.82 15.58
C ASN B 176 -11.97 22.16 15.30
N GLN B 177 -12.15 21.59 14.11
CA GLN B 177 -13.41 20.94 13.75
C GLN B 177 -13.13 19.90 12.68
N ILE B 178 -13.65 18.69 12.88
CA ILE B 178 -13.39 17.58 11.95
C ILE B 178 -14.62 16.70 11.91
N VAL B 179 -15.00 16.27 10.71
CA VAL B 179 -16.16 15.39 10.51
C VAL B 179 -15.65 14.00 10.22
N THR B 180 -16.12 13.02 10.99
CA THR B 180 -15.73 11.64 10.84
C THR B 180 -16.93 10.79 10.42
N SER B 181 -16.65 9.72 9.68
CA SER B 181 -17.67 8.79 9.20
C SER B 181 -17.20 7.38 9.53
N SER B 182 -17.99 6.65 10.31
CA SER B 182 -17.58 5.35 10.82
C SER B 182 -18.44 4.24 10.23
N GLY B 183 -18.09 3.01 10.59
CA GLY B 183 -18.77 1.85 10.06
C GLY B 183 -19.91 1.35 10.93
N ASP B 184 -20.31 2.16 11.92
CA ASP B 184 -21.47 1.85 12.74
C ASP B 184 -22.69 2.66 12.32
N THR B 185 -22.78 2.97 11.03
CA THR B 185 -23.91 3.69 10.44
C THR B 185 -24.06 5.09 11.03
N THR B 186 -22.94 5.76 11.30
CA THR B 186 -22.98 7.09 11.89
C THR B 186 -21.88 7.99 11.32
N CYS B 187 -22.16 9.29 11.35
CA CYS B 187 -21.17 10.34 11.16
C CYS B 187 -21.17 11.22 12.40
N ALA B 188 -20.07 11.94 12.61
CA ALA B 188 -19.95 12.75 13.81
C ALA B 188 -19.19 14.03 13.51
N LEU B 189 -19.68 15.14 14.09
CA LEU B 189 -19.00 16.42 14.07
C LEU B 189 -18.42 16.67 15.45
N TRP B 190 -17.09 16.78 15.52
CA TRP B 190 -16.33 16.78 16.75
C TRP B 190 -15.90 18.19 17.14
N ASP B 191 -15.08 18.28 18.18
CA ASP B 191 -14.49 19.53 18.63
C ASP B 191 -13.12 19.17 19.23
N ILE B 192 -12.07 19.35 18.44
CA ILE B 192 -10.75 18.83 18.80
C ILE B 192 -10.21 19.44 20.09
N GLU B 193 -10.60 20.68 20.41
CA GLU B 193 -10.08 21.32 21.61
C GLU B 193 -10.56 20.58 22.86
N THR B 194 -11.86 20.31 22.95
CA THR B 194 -12.39 19.61 24.12
C THR B 194 -12.45 18.10 23.92
N GLY B 195 -12.58 17.64 22.69
CA GLY B 195 -12.46 16.22 22.39
C GLY B 195 -13.71 15.41 22.62
N GLN B 196 -14.86 15.93 22.17
CA GLN B 196 -16.10 15.17 22.26
C GLN B 196 -17.03 15.63 21.15
N GLN B 197 -17.89 14.71 20.72
CA GLN B 197 -18.80 14.99 19.61
C GLN B 197 -19.72 16.16 19.96
N THR B 198 -19.83 17.11 19.04
CA THR B 198 -20.84 18.15 19.18
C THR B 198 -22.10 17.82 18.41
N THR B 199 -22.02 16.99 17.38
CA THR B 199 -23.21 16.56 16.67
C THR B 199 -23.04 15.12 16.17
N THR B 200 -24.14 14.38 16.14
CA THR B 200 -24.15 13.02 15.61
C THR B 200 -25.18 12.92 14.50
N PHE B 201 -24.75 12.41 13.34
CA PHE B 201 -25.61 12.26 12.17
C PHE B 201 -25.92 10.78 12.04
N THR B 202 -27.21 10.44 12.18
CA THR B 202 -27.72 9.09 12.12
C THR B 202 -28.82 9.00 11.09
N GLY B 203 -29.05 7.78 10.59
CA GLY B 203 -30.06 7.56 9.58
C GLY B 203 -29.69 6.49 8.57
N HIS B 204 -28.40 6.20 8.47
CA HIS B 204 -27.93 5.12 7.60
C HIS B 204 -28.20 3.77 8.26
N THR B 205 -28.42 2.75 7.42
CA THR B 205 -28.66 1.40 7.90
C THR B 205 -27.54 0.44 7.50
N GLY B 206 -26.35 0.97 7.19
CA GLY B 206 -25.21 0.16 6.85
C GLY B 206 -23.95 0.95 7.05
N ASP B 207 -22.82 0.29 6.84
CA ASP B 207 -21.53 0.94 7.00
C ASP B 207 -21.44 2.16 6.07
N VAL B 208 -20.98 3.27 6.62
CA VAL B 208 -20.80 4.50 5.87
C VAL B 208 -19.36 4.54 5.40
N MET B 209 -19.16 4.69 4.08
CA MET B 209 -17.83 4.48 3.52
C MET B 209 -17.09 5.75 3.12
N SER B 210 -17.79 6.84 2.79
CA SER B 210 -17.10 8.03 2.33
C SER B 210 -17.98 9.26 2.55
N LEU B 211 -17.33 10.41 2.67
CA LEU B 211 -18.02 11.69 2.73
C LEU B 211 -17.20 12.74 1.98
N SER B 212 -17.89 13.77 1.49
CA SER B 212 -17.25 14.84 0.75
C SER B 212 -17.82 16.18 1.21
N LEU B 213 -16.95 17.06 1.69
CA LEU B 213 -17.36 18.35 2.20
C LEU B 213 -17.77 19.29 1.06
N ALA B 214 -18.71 20.17 1.37
CA ALA B 214 -19.13 21.18 0.41
C ALA B 214 -18.08 22.27 0.31
N PRO B 215 -17.99 22.94 -0.85
CA PRO B 215 -17.01 24.02 -0.99
C PRO B 215 -17.20 25.15 0.01
N ASP B 216 -18.45 25.48 0.34
CA ASP B 216 -18.73 26.56 1.29
C ASP B 216 -18.65 26.11 2.73
N THR B 217 -18.52 24.81 2.99
CA THR B 217 -18.45 24.24 4.33
C THR B 217 -19.71 24.60 5.12
N ARG B 218 -20.85 24.13 4.62
CA ARG B 218 -22.11 24.20 5.33
C ARG B 218 -22.92 22.91 5.20
N LEU B 219 -22.55 22.05 4.25
CA LEU B 219 -23.24 20.79 4.02
C LEU B 219 -22.19 19.74 3.70
N PHE B 220 -22.62 18.49 3.66
CA PHE B 220 -21.77 17.41 3.16
C PHE B 220 -22.62 16.21 2.84
N VAL B 221 -22.15 15.40 1.91
CA VAL B 221 -22.85 14.19 1.48
C VAL B 221 -22.07 12.98 2.00
N SER B 222 -22.80 11.89 2.20
CA SER B 222 -22.21 10.67 2.74
C SER B 222 -22.86 9.46 2.10
N GLY B 223 -22.05 8.54 1.61
CA GLY B 223 -22.54 7.32 0.97
C GLY B 223 -22.31 6.12 1.88
N ALA B 224 -23.27 5.20 1.90
CA ALA B 224 -23.19 4.08 2.82
C ALA B 224 -23.40 2.77 2.09
N CYS B 225 -23.27 1.67 2.84
CA CYS B 225 -23.37 0.32 2.31
C CYS B 225 -24.81 -0.13 2.06
N ASP B 226 -25.79 0.65 2.47
CA ASP B 226 -27.19 0.35 2.15
C ASP B 226 -27.61 0.89 0.79
N ALA B 227 -26.63 1.18 -0.07
CA ALA B 227 -26.88 1.66 -1.44
C ALA B 227 -27.64 2.98 -1.43
N SER B 228 -27.16 3.93 -0.64
CA SER B 228 -27.79 5.24 -0.56
C SER B 228 -26.78 6.29 -0.15
N ALA B 229 -26.99 7.51 -0.63
CA ALA B 229 -26.25 8.68 -0.23
C ALA B 229 -27.20 9.65 0.46
N LYS B 230 -26.65 10.48 1.34
CA LYS B 230 -27.46 11.42 2.10
C LYS B 230 -26.75 12.76 2.19
N LEU B 231 -27.49 13.83 1.95
CA LEU B 231 -26.99 15.20 2.08
C LEU B 231 -27.45 15.75 3.42
N TRP B 232 -26.49 16.16 4.24
CA TRP B 232 -26.71 16.53 5.64
C TRP B 232 -26.69 18.04 5.81
N ASP B 233 -26.72 18.49 7.07
CA ASP B 233 -26.59 19.90 7.41
C ASP B 233 -25.69 19.99 8.64
N VAL B 234 -24.52 20.60 8.48
CA VAL B 234 -23.49 20.54 9.51
C VAL B 234 -23.94 21.23 10.78
N ARG B 235 -24.51 22.43 10.66
CA ARG B 235 -24.80 23.22 11.85
C ARG B 235 -26.03 22.71 12.61
N GLU B 236 -27.05 22.25 11.89
CA GLU B 236 -28.27 21.80 12.57
C GLU B 236 -28.16 20.34 13.02
N GLY B 237 -27.59 19.49 12.19
CA GLY B 237 -27.52 18.07 12.47
C GLY B 237 -28.60 17.23 11.81
N MET B 238 -29.39 17.82 10.92
CA MET B 238 -30.48 17.13 10.24
C MET B 238 -29.95 16.38 9.03
N CYS B 239 -30.87 15.68 8.35
CA CYS B 239 -30.59 14.99 7.10
C CYS B 239 -31.45 15.63 6.01
N ARG B 240 -30.83 16.53 5.23
CA ARG B 240 -31.62 17.34 4.30
C ARG B 240 -32.22 16.51 3.17
N GLN B 241 -31.42 15.63 2.56
CA GLN B 241 -31.93 14.88 1.41
C GLN B 241 -31.33 13.47 1.38
N THR B 242 -31.98 12.60 0.63
CA THR B 242 -31.55 11.21 0.48
C THR B 242 -31.67 10.81 -0.98
N PHE B 243 -30.60 10.22 -1.53
CA PHE B 243 -30.55 9.78 -2.92
C PHE B 243 -30.33 8.27 -2.95
N THR B 244 -31.15 7.57 -3.72
CA THR B 244 -31.11 6.11 -3.84
C THR B 244 -31.23 5.74 -5.31
N GLY B 245 -30.08 5.60 -5.98
CA GLY B 245 -30.08 5.21 -7.38
C GLY B 245 -29.26 3.96 -7.65
N HIS B 246 -28.28 3.69 -6.79
CA HIS B 246 -27.40 2.56 -6.97
C HIS B 246 -28.10 1.26 -6.55
N GLU B 247 -27.44 0.13 -6.82
CA GLU B 247 -28.00 -1.17 -6.47
C GLU B 247 -27.00 -2.04 -5.71
N SER B 248 -25.96 -1.45 -5.13
CA SER B 248 -25.03 -2.17 -4.28
C SER B 248 -24.30 -1.15 -3.41
N ASP B 249 -23.26 -1.60 -2.73
CA ASP B 249 -22.55 -0.75 -1.78
C ASP B 249 -21.88 0.42 -2.50
N ILE B 250 -21.69 1.51 -1.77
CA ILE B 250 -21.07 2.72 -2.28
C ILE B 250 -19.70 2.87 -1.63
N ASN B 251 -18.66 3.01 -2.46
CA ASN B 251 -17.29 3.04 -1.97
C ASN B 251 -16.68 4.43 -1.96
N ALA B 252 -17.12 5.33 -2.83
CA ALA B 252 -16.51 6.65 -2.93
C ALA B 252 -17.55 7.68 -3.33
N ILE B 253 -17.32 8.92 -2.90
CA ILE B 253 -18.22 10.03 -3.18
C ILE B 253 -17.38 11.29 -3.29
N CYS B 254 -17.85 12.24 -4.10
CA CYS B 254 -17.10 13.46 -4.35
C CYS B 254 -18.06 14.56 -4.78
N PHE B 255 -17.74 15.80 -4.43
CA PHE B 255 -18.55 16.96 -4.79
C PHE B 255 -18.12 17.54 -6.13
N PHE B 256 -19.11 17.98 -6.92
CA PHE B 256 -18.83 18.78 -8.09
C PHE B 256 -18.22 20.11 -7.65
N PRO B 257 -17.32 20.69 -8.45
CA PRO B 257 -16.69 21.96 -8.05
C PRO B 257 -17.69 23.08 -7.81
N ASN B 258 -18.83 23.07 -8.52
CA ASN B 258 -19.85 24.08 -8.28
C ASN B 258 -20.44 23.97 -6.88
N GLY B 259 -20.55 22.74 -6.37
CA GLY B 259 -21.17 22.50 -5.09
C GLY B 259 -22.65 22.13 -5.15
N ASN B 260 -23.19 21.96 -6.35
CA ASN B 260 -24.61 21.65 -6.56
C ASN B 260 -24.78 20.32 -7.28
N ALA B 261 -23.81 19.42 -7.14
CA ALA B 261 -23.89 18.08 -7.71
C ALA B 261 -22.83 17.22 -7.05
N PHE B 262 -22.97 15.91 -7.18
CA PHE B 262 -21.93 15.03 -6.65
C PHE B 262 -21.97 13.69 -7.36
N ALA B 263 -20.80 13.07 -7.48
CA ALA B 263 -20.63 11.81 -8.18
C ALA B 263 -20.31 10.69 -7.20
N THR B 264 -20.87 9.51 -7.45
CA THR B 264 -20.76 8.37 -6.56
C THR B 264 -20.28 7.15 -7.31
N GLY B 265 -19.45 6.36 -6.67
CA GLY B 265 -18.96 5.12 -7.25
C GLY B 265 -19.29 3.93 -6.36
N SER B 266 -19.65 2.83 -6.99
CA SER B 266 -20.22 1.69 -6.28
C SER B 266 -19.54 0.39 -6.67
N ASP B 267 -19.87 -0.66 -5.93
CA ASP B 267 -19.54 -2.03 -6.33
C ASP B 267 -20.43 -2.52 -7.48
N ASP B 268 -21.34 -1.67 -7.94
CA ASP B 268 -22.20 -1.91 -9.08
C ASP B 268 -21.45 -1.97 -10.40
N ALA B 269 -20.17 -1.58 -10.41
CA ALA B 269 -19.39 -1.35 -11.63
C ALA B 269 -19.92 -0.16 -12.43
N THR B 270 -20.58 0.78 -11.74
CA THR B 270 -21.12 1.97 -12.36
C THR B 270 -20.82 3.18 -11.50
N CYS B 271 -20.76 4.34 -12.14
CA CYS B 271 -20.65 5.62 -11.46
C CYS B 271 -21.89 6.45 -11.79
N ARG B 272 -22.26 7.35 -10.90
CA ARG B 272 -23.49 8.11 -11.08
C ARG B 272 -23.30 9.56 -10.65
N LEU B 273 -24.11 10.44 -11.24
CA LEU B 273 -24.10 11.87 -10.92
C LEU B 273 -25.47 12.25 -10.38
N PHE B 274 -25.50 12.91 -9.23
CA PHE B 274 -26.73 13.36 -8.60
C PHE B 274 -26.73 14.88 -8.46
N ASP B 275 -27.94 15.45 -8.56
CA ASP B 275 -28.16 16.88 -8.41
C ASP B 275 -28.86 17.18 -7.10
N LEU B 276 -28.35 18.19 -6.39
CA LEU B 276 -28.97 18.61 -5.14
C LEU B 276 -30.26 19.39 -5.35
N ARG B 277 -30.37 20.11 -6.47
CA ARG B 277 -31.55 20.94 -6.72
C ARG B 277 -32.66 20.18 -7.43
N ALA B 278 -32.32 19.41 -8.48
CA ALA B 278 -33.31 18.58 -9.15
C ALA B 278 -33.69 17.35 -8.34
N ASP B 279 -32.85 16.96 -7.38
CA ASP B 279 -33.12 15.87 -6.45
C ASP B 279 -33.37 14.54 -7.14
N GLN B 280 -32.59 14.23 -8.18
CA GLN B 280 -32.69 12.93 -8.85
C GLN B 280 -31.39 12.66 -9.60
N GLU B 281 -31.31 11.48 -10.20
CA GLU B 281 -30.12 11.06 -10.92
C GLU B 281 -30.02 11.79 -12.26
N LEU B 282 -28.79 12.13 -12.65
CA LEU B 282 -28.53 12.84 -13.89
C LEU B 282 -27.92 11.97 -14.97
N MET B 283 -26.86 11.24 -14.65
CA MET B 283 -26.16 10.43 -15.65
C MET B 283 -25.44 9.28 -14.97
N THR B 284 -25.38 8.14 -15.67
CA THR B 284 -24.63 6.98 -15.22
C THR B 284 -23.52 6.66 -16.20
N TYR B 285 -22.30 6.54 -15.67
CA TYR B 285 -21.11 6.23 -16.47
C TYR B 285 -20.75 4.77 -16.21
N SER B 286 -20.82 3.96 -17.26
CA SER B 286 -20.61 2.51 -17.16
C SER B 286 -20.11 1.98 -18.49
N HIS B 287 -19.74 0.71 -18.49
CA HIS B 287 -19.28 0.02 -19.69
C HIS B 287 -19.45 -1.47 -19.48
N ASP B 288 -19.86 -2.18 -20.54
CA ASP B 288 -20.15 -3.60 -20.42
C ASP B 288 -18.92 -4.43 -20.09
N ASN B 289 -17.74 -4.01 -20.53
CA ASN B 289 -16.51 -4.72 -20.22
C ASN B 289 -16.22 -4.70 -18.73
N ILE B 290 -16.42 -3.56 -18.07
CA ILE B 290 -16.05 -3.39 -16.67
C ILE B 290 -17.06 -4.14 -15.80
N ILE B 291 -16.55 -5.01 -14.92
CA ILE B 291 -17.39 -5.76 -14.00
C ILE B 291 -16.85 -5.65 -12.59
N CYS B 292 -15.71 -4.99 -12.42
CA CYS B 292 -15.11 -4.81 -11.11
C CYS B 292 -15.82 -3.67 -10.38
N GLY B 293 -15.31 -3.27 -9.22
CA GLY B 293 -15.95 -2.25 -8.40
C GLY B 293 -15.09 -1.01 -8.27
N ILE B 294 -15.75 0.16 -8.33
CA ILE B 294 -15.05 1.42 -8.20
C ILE B 294 -14.57 1.60 -6.76
N THR B 295 -13.36 2.12 -6.59
CA THR B 295 -12.78 2.31 -5.28
C THR B 295 -12.58 3.77 -4.90
N SER B 296 -12.40 4.66 -5.86
CA SER B 296 -12.19 6.08 -5.57
C SER B 296 -12.76 6.91 -6.70
N VAL B 297 -13.07 8.17 -6.41
CA VAL B 297 -13.66 9.08 -7.37
C VAL B 297 -13.17 10.49 -7.06
N SER B 298 -12.83 11.25 -8.11
CA SER B 298 -12.46 12.65 -7.97
C SER B 298 -12.84 13.39 -9.23
N PHE B 299 -12.97 14.70 -9.11
CA PHE B 299 -13.35 15.58 -10.22
C PHE B 299 -12.15 16.42 -10.65
N SER B 300 -12.23 16.93 -11.88
CA SER B 300 -11.26 17.89 -12.37
C SER B 300 -11.64 19.30 -11.89
N LYS B 301 -10.73 20.25 -12.10
CA LYS B 301 -10.95 21.60 -11.61
C LYS B 301 -12.16 22.25 -12.25
N SER B 302 -12.37 22.05 -13.56
CA SER B 302 -13.54 22.60 -14.23
C SER B 302 -14.75 21.71 -14.12
N GLY B 303 -14.58 20.46 -13.69
CA GLY B 303 -15.67 19.51 -13.68
C GLY B 303 -15.95 18.85 -15.00
N ARG B 304 -15.03 18.95 -15.96
CA ARG B 304 -15.19 18.32 -17.27
C ARG B 304 -14.55 16.93 -17.32
N LEU B 305 -13.87 16.50 -16.26
CA LEU B 305 -13.22 15.20 -16.23
C LEU B 305 -13.52 14.55 -14.89
N LEU B 306 -14.13 13.37 -14.91
CA LEU B 306 -14.37 12.58 -13.72
C LEU B 306 -13.37 11.43 -13.69
N LEU B 307 -12.57 11.36 -12.65
CA LEU B 307 -11.58 10.31 -12.49
C LEU B 307 -12.07 9.29 -11.48
N ALA B 308 -11.87 8.01 -11.80
CA ALA B 308 -12.43 6.93 -10.98
C ALA B 308 -11.46 5.75 -10.97
N GLY B 309 -10.99 5.38 -9.79
CA GLY B 309 -10.19 4.18 -9.65
C GLY B 309 -11.04 2.93 -9.82
N TYR B 310 -10.37 1.79 -9.94
CA TYR B 310 -11.07 0.54 -10.21
C TYR B 310 -10.34 -0.62 -9.57
N ASP B 311 -11.03 -1.75 -9.47
CA ASP B 311 -10.49 -2.97 -8.90
C ASP B 311 -9.66 -3.79 -9.88
N ASP B 312 -9.74 -3.48 -11.18
CA ASP B 312 -8.97 -4.20 -12.19
C ASP B 312 -7.60 -3.59 -12.44
N PHE B 313 -7.04 -2.93 -11.44
CA PHE B 313 -5.66 -2.45 -11.34
C PHE B 313 -5.40 -1.14 -12.07
N ASN B 314 -6.37 -0.56 -12.78
CA ASN B 314 -6.11 0.67 -13.52
C ASN B 314 -7.28 1.64 -13.36
N CYS B 315 -6.96 2.92 -13.41
CA CYS B 315 -7.95 3.98 -13.24
C CYS B 315 -8.70 4.20 -14.55
N ASN B 316 -9.46 5.29 -14.62
CA ASN B 316 -10.20 5.65 -15.82
C ASN B 316 -10.49 7.14 -15.77
N VAL B 317 -10.83 7.70 -16.92
CA VAL B 317 -11.17 9.11 -17.05
C VAL B 317 -12.43 9.22 -17.92
N TRP B 318 -13.45 9.88 -17.40
CA TRP B 318 -14.73 10.01 -18.09
C TRP B 318 -15.03 11.47 -18.38
N ASP B 319 -15.55 11.72 -19.58
CA ASP B 319 -16.14 13.02 -19.89
C ASP B 319 -17.43 13.17 -19.12
N ALA B 320 -17.42 14.01 -18.08
CA ALA B 320 -18.53 14.05 -17.12
C ALA B 320 -19.82 14.59 -17.73
N LEU B 321 -19.77 15.16 -18.93
CA LEU B 321 -20.96 15.73 -19.54
C LEU B 321 -21.56 14.87 -20.64
N LYS B 322 -20.83 13.89 -21.17
CA LYS B 322 -21.33 13.07 -22.26
C LYS B 322 -21.21 11.57 -22.00
N ALA B 323 -20.61 11.16 -20.88
CA ALA B 323 -20.54 9.79 -20.41
C ALA B 323 -19.75 8.86 -21.33
N ASP B 324 -18.78 9.37 -22.08
CA ASP B 324 -17.90 8.52 -22.87
C ASP B 324 -16.49 8.58 -22.30
N ARG B 325 -15.90 7.41 -22.08
CA ARG B 325 -14.55 7.34 -21.53
C ARG B 325 -13.55 7.93 -22.52
N ALA B 326 -12.64 8.75 -22.01
CA ALA B 326 -11.68 9.45 -22.84
C ALA B 326 -10.29 9.43 -22.22
N GLY B 327 -9.88 8.27 -21.71
CA GLY B 327 -8.55 8.15 -21.13
C GLY B 327 -8.43 7.04 -20.10
N VAL B 328 -7.27 6.41 -20.04
CA VAL B 328 -7.00 5.33 -19.10
C VAL B 328 -5.64 5.58 -18.47
N LEU B 329 -5.54 5.32 -17.16
CA LEU B 329 -4.30 5.50 -16.41
C LEU B 329 -3.86 4.13 -15.92
N ALA B 330 -3.15 3.39 -16.77
CA ALA B 330 -2.75 2.02 -16.48
C ALA B 330 -1.27 2.01 -16.13
N GLY B 331 -0.97 2.03 -14.83
CA GLY B 331 0.41 1.97 -14.39
C GLY B 331 0.61 1.15 -13.12
N HIS B 332 -0.46 0.57 -12.61
CA HIS B 332 -0.42 -0.18 -11.37
C HIS B 332 -0.60 -1.66 -11.63
N ASP B 333 -0.01 -2.47 -10.75
CA ASP B 333 -0.07 -3.93 -10.86
C ASP B 333 -0.94 -4.56 -9.77
N ASN B 334 -1.71 -3.73 -9.06
CA ASN B 334 -2.61 -4.23 -8.03
C ASN B 334 -3.78 -3.26 -7.91
N ARG B 335 -4.68 -3.55 -6.97
CA ARG B 335 -5.89 -2.77 -6.78
C ARG B 335 -5.56 -1.30 -6.48
N VAL B 336 -6.29 -0.39 -7.12
CA VAL B 336 -6.12 1.04 -6.90
C VAL B 336 -7.03 1.46 -5.75
N SER B 337 -6.43 2.05 -4.71
CA SER B 337 -7.17 2.42 -3.52
C SER B 337 -7.62 3.88 -3.55
N CYS B 338 -6.68 4.81 -3.64
CA CYS B 338 -6.96 6.22 -3.48
C CYS B 338 -6.56 6.99 -4.73
N LEU B 339 -7.17 8.16 -4.89
CA LEU B 339 -6.99 8.98 -6.08
C LEU B 339 -7.52 10.38 -5.79
N GLY B 340 -6.73 11.39 -6.12
CA GLY B 340 -7.16 12.76 -5.86
C GLY B 340 -6.50 13.82 -6.72
N VAL B 341 -7.31 14.66 -7.35
CA VAL B 341 -6.80 15.77 -8.16
C VAL B 341 -6.44 16.92 -7.24
N THR B 342 -5.40 17.67 -7.61
CA THR B 342 -4.95 18.78 -6.79
C THR B 342 -5.85 20.00 -6.99
N ASP B 343 -5.59 21.06 -6.23
CA ASP B 343 -6.50 22.20 -6.18
C ASP B 343 -6.51 23.00 -7.48
N ASP B 344 -5.35 23.22 -8.08
CA ASP B 344 -5.25 24.00 -9.31
C ASP B 344 -5.18 23.14 -10.56
N GLY B 345 -5.39 21.83 -10.44
CA GLY B 345 -5.37 20.96 -11.60
C GLY B 345 -4.02 20.62 -12.14
N MET B 346 -2.94 20.90 -11.39
CA MET B 346 -1.60 20.58 -11.85
C MET B 346 -1.47 19.09 -12.16
N ALA B 347 -1.66 18.24 -11.15
CA ALA B 347 -1.39 16.82 -11.27
C ALA B 347 -2.52 15.99 -10.70
N VAL B 348 -2.37 14.67 -10.82
CA VAL B 348 -3.31 13.69 -10.28
C VAL B 348 -2.48 12.56 -9.69
N ALA B 349 -2.63 12.29 -8.41
CA ALA B 349 -1.92 11.20 -7.77
C ALA B 349 -2.86 10.05 -7.47
N THR B 350 -2.42 8.84 -7.81
CA THR B 350 -3.19 7.62 -7.55
C THR B 350 -2.33 6.66 -6.75
N GLY B 351 -2.86 6.23 -5.61
CA GLY B 351 -2.24 5.19 -4.82
C GLY B 351 -2.87 3.84 -5.13
N SER B 352 -2.20 2.78 -4.70
CA SER B 352 -2.68 1.44 -4.99
C SER B 352 -2.06 0.46 -4.00
N TRP B 353 -2.38 -0.82 -4.17
CA TRP B 353 -2.05 -1.84 -3.19
C TRP B 353 -0.64 -2.42 -3.35
N ASP B 354 0.13 -1.99 -4.34
CA ASP B 354 1.50 -2.46 -4.47
C ASP B 354 2.51 -1.52 -3.84
N SER B 355 2.05 -0.53 -3.07
CA SER B 355 2.84 0.40 -2.25
C SER B 355 3.52 1.50 -3.04
N PHE B 356 3.07 1.82 -4.25
CA PHE B 356 3.68 2.86 -5.06
C PHE B 356 2.67 3.95 -5.37
N LEU B 357 3.09 5.20 -5.16
CA LEU B 357 2.29 6.34 -5.58
C LEU B 357 2.79 6.84 -6.92
N LYS B 358 1.88 7.38 -7.72
CA LYS B 358 2.23 7.82 -9.07
C LYS B 358 1.56 9.15 -9.37
N ILE B 359 2.35 10.20 -9.52
CA ILE B 359 1.86 11.52 -9.86
C ILE B 359 1.88 11.65 -11.38
N TRP B 360 0.70 11.77 -11.97
CA TRP B 360 0.51 11.90 -13.40
C TRP B 360 0.39 13.37 -13.79
N ASN B 361 0.10 13.63 -15.06
CA ASN B 361 -0.12 14.98 -15.55
C ASN B 361 -0.73 14.95 -16.94
N GLN C 11 -38.86 3.28 16.82
CA GLN C 11 -38.69 3.07 15.38
C GLN C 11 -40.04 3.09 14.67
N ALA C 12 -39.99 3.14 13.34
CA ALA C 12 -41.16 3.14 12.47
C ALA C 12 -41.92 4.47 12.55
N ARG C 13 -41.49 5.34 13.46
CA ARG C 13 -42.02 6.69 13.55
C ARG C 13 -41.03 7.74 13.09
N LYS C 14 -39.74 7.53 13.35
CA LYS C 14 -38.71 8.44 12.84
C LYS C 14 -38.64 8.38 11.32
N LEU C 15 -38.81 7.19 10.74
CA LEU C 15 -38.77 7.07 9.30
C LEU C 15 -39.93 7.81 8.64
N VAL C 16 -41.14 7.66 9.18
CA VAL C 16 -42.30 8.33 8.61
C VAL C 16 -42.18 9.85 8.78
N GLU C 17 -41.73 10.30 9.94
CA GLU C 17 -41.54 11.73 10.16
C GLU C 17 -40.48 12.30 9.22
N GLN C 18 -39.39 11.56 9.02
CA GLN C 18 -38.34 12.02 8.11
C GLN C 18 -38.84 12.07 6.68
N LEU C 19 -39.64 11.09 6.26
CA LEU C 19 -40.22 11.12 4.93
C LEU C 19 -41.19 12.29 4.77
N LYS C 20 -41.96 12.60 5.81
CA LYS C 20 -42.83 13.77 5.76
C LYS C 20 -42.01 15.05 5.62
N MET C 21 -40.91 15.14 6.36
CA MET C 21 -40.03 16.30 6.31
C MET C 21 -39.36 16.45 4.95
N GLU C 22 -38.99 15.33 4.32
CA GLU C 22 -38.27 15.37 3.06
C GLU C 22 -39.18 15.50 1.84
N ALA C 23 -40.43 15.05 1.94
CA ALA C 23 -41.31 14.99 0.78
C ALA C 23 -41.79 16.35 0.31
N ASN C 24 -41.66 17.40 1.11
CA ASN C 24 -42.14 18.73 0.74
C ASN C 24 -40.93 19.66 0.56
N ILE C 25 -40.36 19.64 -0.64
CA ILE C 25 -39.33 20.57 -1.04
C ILE C 25 -39.56 20.93 -2.51
N ASP C 26 -38.98 22.05 -2.93
CA ASP C 26 -39.13 22.53 -4.30
C ASP C 26 -38.03 21.96 -5.18
N ARG C 27 -38.43 21.38 -6.30
CA ARG C 27 -37.50 20.75 -7.25
C ARG C 27 -37.54 21.52 -8.56
N ILE C 28 -36.37 21.93 -9.02
CA ILE C 28 -36.24 22.54 -10.34
C ILE C 28 -36.21 21.44 -11.39
N LYS C 29 -36.36 21.81 -12.66
CA LYS C 29 -36.36 20.82 -13.72
C LYS C 29 -34.94 20.26 -13.91
N VAL C 30 -34.83 19.26 -14.79
CA VAL C 30 -33.53 18.70 -15.11
C VAL C 30 -32.84 19.53 -16.19
N SER C 31 -33.62 20.21 -17.04
CA SER C 31 -33.04 21.05 -18.08
C SER C 31 -32.22 22.17 -17.48
N LYS C 32 -32.73 22.82 -16.43
CA LYS C 32 -31.98 23.88 -15.77
C LYS C 32 -30.70 23.34 -15.14
N ALA C 33 -30.75 22.14 -14.56
CA ALA C 33 -29.56 21.54 -13.97
C ALA C 33 -28.49 21.28 -15.02
N ALA C 34 -28.89 20.68 -16.16
CA ALA C 34 -27.95 20.41 -17.22
C ALA C 34 -27.36 21.71 -17.77
N ALA C 35 -28.21 22.73 -17.93
CA ALA C 35 -27.74 24.02 -18.43
C ALA C 35 -26.73 24.65 -17.49
N ASP C 36 -26.99 24.59 -16.18
CA ASP C 36 -26.06 25.17 -15.22
C ASP C 36 -24.74 24.41 -15.19
N LEU C 37 -24.79 23.08 -15.25
CA LEU C 37 -23.55 22.31 -15.28
C LEU C 37 -22.73 22.63 -16.53
N MET C 38 -23.39 22.69 -17.69
CA MET C 38 -22.70 23.05 -18.92
C MET C 38 -22.12 24.47 -18.85
N ALA C 39 -22.87 25.40 -18.26
CA ALA C 39 -22.39 26.78 -18.15
C ALA C 39 -21.13 26.85 -17.30
N TYR C 40 -21.13 26.18 -16.14
CA TYR C 40 -19.93 26.18 -15.30
C TYR C 40 -18.75 25.55 -16.03
N CYS C 41 -18.98 24.40 -16.68
CA CYS C 41 -17.88 23.70 -17.34
C CYS C 41 -17.30 24.54 -18.48
N GLU C 42 -18.16 25.18 -19.27
CA GLU C 42 -17.68 26.01 -20.36
C GLU C 42 -17.00 27.29 -19.87
N ALA C 43 -17.49 27.88 -18.77
CA ALA C 43 -16.91 29.11 -18.27
C ALA C 43 -15.53 28.86 -17.67
N HIS C 44 -15.33 27.74 -16.98
CA HIS C 44 -14.03 27.44 -16.39
C HIS C 44 -13.22 26.44 -17.22
N ALA C 45 -13.38 26.47 -18.54
CA ALA C 45 -12.78 25.47 -19.42
C ALA C 45 -11.36 25.83 -19.84
N LYS C 46 -10.79 26.92 -19.32
CA LYS C 46 -9.45 27.32 -19.71
C LYS C 46 -8.54 27.54 -18.51
N GLU C 47 -8.73 26.80 -17.42
CA GLU C 47 -7.93 26.95 -16.22
C GLU C 47 -7.44 25.64 -15.64
N ASP C 48 -7.78 24.50 -16.24
CA ASP C 48 -7.37 23.20 -15.74
C ASP C 48 -6.34 22.61 -16.69
N PRO C 49 -5.11 22.36 -16.22
CA PRO C 49 -4.10 21.72 -17.10
C PRO C 49 -4.50 20.35 -17.60
N LEU C 50 -5.33 19.60 -16.86
CA LEU C 50 -5.70 18.26 -17.29
C LEU C 50 -6.52 18.27 -18.57
N LEU C 51 -7.43 19.23 -18.71
CA LEU C 51 -8.26 19.31 -19.90
C LEU C 51 -7.49 19.94 -21.06
N THR C 52 -6.96 21.14 -20.85
CA THR C 52 -6.12 21.81 -21.83
C THR C 52 -4.69 21.83 -21.32
N PRO C 53 -3.80 20.96 -21.80
CA PRO C 53 -2.44 20.90 -21.24
C PRO C 53 -1.69 22.21 -21.41
N VAL C 54 -0.97 22.60 -20.37
CA VAL C 54 -0.18 23.83 -20.37
C VAL C 54 1.16 23.55 -21.04
N PRO C 55 1.85 24.57 -21.57
CA PRO C 55 3.17 24.34 -22.16
C PRO C 55 4.18 23.89 -21.10
N ALA C 56 5.19 23.15 -21.56
CA ALA C 56 6.18 22.56 -20.66
C ALA C 56 6.99 23.59 -19.89
N SER C 57 7.01 24.85 -20.34
CA SER C 57 7.74 25.89 -19.63
C SER C 57 7.07 26.26 -18.31
N GLU C 58 5.78 25.99 -18.16
CA GLU C 58 5.04 26.29 -16.94
C GLU C 58 4.96 25.07 -16.02
N ASN C 59 4.48 23.94 -16.55
CA ASN C 59 4.31 22.69 -15.76
C ASN C 59 5.51 22.44 -14.86
N PRO C 60 5.32 22.27 -13.53
CA PRO C 60 6.42 21.96 -12.60
C PRO C 60 6.72 20.48 -12.48
N PHE C 61 5.92 19.61 -13.06
CA PHE C 61 6.16 18.17 -12.98
C PHE C 61 6.86 17.67 -14.24
N VAL D 2 12.64 24.90 25.42
CA VAL D 2 13.83 24.81 24.57
C VAL D 2 14.99 25.51 25.23
N GLN D 3 16.11 24.80 25.40
CA GLN D 3 17.29 25.36 26.03
C GLN D 3 18.53 24.93 25.26
N LEU D 4 19.45 25.89 25.07
CA LEU D 4 20.75 25.63 24.45
C LEU D 4 21.78 26.40 25.28
N VAL D 5 22.33 25.73 26.29
CA VAL D 5 23.28 26.35 27.20
C VAL D 5 24.69 25.87 26.85
N GLU D 6 25.61 26.81 26.71
CA GLU D 6 26.98 26.53 26.29
C GLU D 6 27.95 26.68 27.45
N SER D 7 29.01 25.89 27.40
CA SER D 7 30.04 25.88 28.43
C SER D 7 31.41 25.95 27.77
N GLY D 8 32.36 26.55 28.49
CA GLY D 8 33.69 26.75 27.97
C GLY D 8 34.17 28.18 28.20
N GLY D 9 34.94 28.72 27.27
CA GLY D 9 35.38 30.09 27.36
C GLY D 9 36.44 30.31 28.43
N GLY D 10 36.95 31.54 28.51
CA GLY D 10 37.98 31.88 29.47
C GLY D 10 39.19 32.47 28.78
N LEU D 11 40.24 32.68 29.56
CA LEU D 11 41.47 33.28 29.05
C LEU D 11 42.46 32.17 28.68
N VAL D 12 43.03 32.28 27.48
CA VAL D 12 44.01 31.30 27.00
C VAL D 12 45.15 32.05 26.32
N GLN D 13 46.37 31.64 26.63
CA GLN D 13 47.54 32.20 25.96
C GLN D 13 47.58 31.74 24.51
N PRO D 14 48.22 32.52 23.64
CA PRO D 14 48.31 32.12 22.22
C PRO D 14 49.02 30.79 22.06
N GLY D 15 48.56 30.02 21.08
CA GLY D 15 49.10 28.70 20.82
C GLY D 15 48.43 27.57 21.58
N GLY D 16 47.51 27.88 22.49
CA GLY D 16 46.85 26.87 23.27
C GLY D 16 45.70 26.22 22.52
N SER D 17 44.90 25.48 23.28
CA SER D 17 43.74 24.78 22.73
C SER D 17 42.60 24.84 23.72
N ARG D 18 41.38 24.67 23.22
CA ARG D 18 40.21 24.69 24.07
C ARG D 18 39.09 23.87 23.44
N LYS D 19 38.13 23.50 24.28
CA LYS D 19 36.97 22.71 23.86
C LYS D 19 35.72 23.38 24.41
N LEU D 20 34.80 23.74 23.52
CA LEU D 20 33.56 24.39 23.88
C LEU D 20 32.40 23.42 23.67
N SER D 21 31.50 23.34 24.65
CA SER D 21 30.38 22.42 24.61
C SER D 21 29.07 23.20 24.57
N CYS D 22 28.03 22.55 24.04
CA CYS D 22 26.70 23.13 24.03
C CYS D 22 25.71 22.00 24.27
N SER D 23 24.97 22.05 25.37
CA SER D 23 24.10 20.96 25.80
C SER D 23 22.66 21.33 25.50
N ALA D 24 22.13 20.79 24.40
CA ALA D 24 20.74 21.03 24.06
C ALA D 24 19.82 20.26 25.00
N SER D 25 18.72 20.91 25.40
CA SER D 25 17.76 20.28 26.31
C SER D 25 16.40 20.93 26.10
N GLY D 26 15.48 20.18 25.52
CA GLY D 26 14.13 20.67 25.34
C GLY D 26 13.54 20.37 23.98
N PHE D 27 14.31 19.75 23.10
CA PHE D 27 13.85 19.46 21.76
C PHE D 27 14.56 18.20 21.24
N ALA D 28 14.24 17.82 20.01
CA ALA D 28 14.82 16.64 19.37
C ALA D 28 16.15 17.02 18.76
N PHE D 29 17.22 16.93 19.55
CA PHE D 29 18.54 17.42 19.13
C PHE D 29 19.09 16.63 17.95
N SER D 30 18.64 15.40 17.75
CA SER D 30 19.23 14.53 16.74
C SER D 30 18.68 14.77 15.35
N SER D 31 17.73 15.70 15.17
CA SER D 31 17.17 15.98 13.87
C SER D 31 17.39 17.43 13.45
N PHE D 32 18.32 18.13 14.08
CA PHE D 32 18.62 19.52 13.78
C PHE D 32 20.08 19.66 13.35
N GLY D 33 20.31 20.26 12.18
CA GLY D 33 21.64 20.74 11.87
C GLY D 33 22.01 21.88 12.78
N MET D 34 23.30 21.98 13.11
CA MET D 34 23.72 22.90 14.16
C MET D 34 24.95 23.69 13.71
N HIS D 35 24.95 24.98 14.01
CA HIS D 35 26.04 25.87 13.62
C HIS D 35 26.68 26.49 14.85
N TRP D 36 27.95 26.86 14.71
CA TRP D 36 28.64 27.74 15.63
C TRP D 36 28.90 29.06 14.91
N VAL D 37 28.50 30.17 15.54
CA VAL D 37 28.62 31.51 14.99
C VAL D 37 29.34 32.39 16.00
N ARG D 38 30.25 33.23 15.52
CA ARG D 38 31.08 34.09 16.36
C ARG D 38 30.48 35.47 16.50
N GLN D 39 31.13 36.28 17.35
CA GLN D 39 30.86 37.71 17.43
C GLN D 39 32.04 38.37 18.14
N ALA D 40 32.68 39.32 17.47
CA ALA D 40 33.80 40.04 18.04
C ALA D 40 33.31 40.92 19.18
N PRO D 41 34.21 41.38 20.06
CA PRO D 41 33.75 42.19 21.20
C PRO D 41 32.93 43.41 20.81
N GLU D 42 33.24 44.05 19.69
CA GLU D 42 32.45 45.20 19.25
C GLU D 42 32.11 45.17 17.77
N LYS D 43 32.48 44.13 17.03
CA LYS D 43 32.17 44.04 15.61
C LYS D 43 30.92 43.20 15.41
N GLY D 44 30.60 42.90 14.15
CA GLY D 44 29.40 42.14 13.82
C GLY D 44 29.59 40.65 13.93
N LEU D 45 28.53 39.92 13.59
CA LEU D 45 28.53 38.47 13.69
C LEU D 45 29.36 37.86 12.57
N GLU D 46 29.74 36.60 12.77
CA GLU D 46 30.60 35.91 11.81
C GLU D 46 30.39 34.40 11.95
N TRP D 47 30.05 33.74 10.86
CA TRP D 47 29.80 32.30 10.85
C TRP D 47 31.11 31.54 11.03
N VAL D 48 31.05 30.43 11.76
CA VAL D 48 32.26 29.67 12.07
C VAL D 48 32.19 28.25 11.52
N ALA D 49 31.19 27.46 11.93
CA ALA D 49 31.19 26.06 11.55
C ALA D 49 29.76 25.54 11.47
N TYR D 50 29.58 24.42 10.75
CA TYR D 50 28.27 23.83 10.56
C TYR D 50 28.40 22.31 10.51
N ILE D 51 27.50 21.60 11.22
CA ILE D 51 27.44 20.14 11.19
C ILE D 51 26.00 19.71 10.96
N SER D 52 25.80 18.77 10.04
CA SER D 52 24.47 18.42 9.58
C SER D 52 23.79 17.48 10.59
N SER D 53 22.62 16.96 10.22
CA SER D 53 21.88 16.02 11.04
C SER D 53 22.32 14.61 10.65
N GLY D 54 22.94 13.90 11.59
CA GLY D 54 23.57 12.63 11.30
C GLY D 54 25.05 12.70 11.02
N SER D 55 25.66 13.88 11.16
CA SER D 55 27.09 14.09 11.00
C SER D 55 27.58 13.75 9.59
N GLY D 56 26.68 13.76 8.61
CA GLY D 56 27.05 13.43 7.25
C GLY D 56 27.57 14.56 6.40
N THR D 57 27.66 15.77 6.94
CA THR D 57 28.10 16.93 6.18
C THR D 57 28.63 17.98 7.15
N ILE D 58 29.88 18.39 6.96
CA ILE D 58 30.54 19.33 7.86
C ILE D 58 31.19 20.43 7.02
N TYR D 59 31.00 21.68 7.44
CA TYR D 59 31.60 22.83 6.77
C TYR D 59 32.27 23.72 7.80
N TYR D 60 33.37 24.35 7.38
CA TYR D 60 34.10 25.31 8.21
C TYR D 60 34.29 26.61 7.46
N ALA D 61 34.45 27.68 8.22
CA ALA D 61 34.81 28.97 7.63
C ALA D 61 36.26 28.94 7.19
N ASP D 62 36.55 29.62 6.08
CA ASP D 62 37.90 29.60 5.53
C ASP D 62 38.92 30.25 6.45
N THR D 63 38.48 31.08 7.40
CA THR D 63 39.40 31.66 8.36
C THR D 63 40.00 30.61 9.29
N VAL D 64 39.21 29.59 9.65
CA VAL D 64 39.62 28.58 10.61
C VAL D 64 39.60 27.17 10.02
N LYS D 65 39.44 27.05 8.71
CA LYS D 65 39.37 25.74 8.08
C LYS D 65 40.67 24.98 8.30
N GLY D 66 40.55 23.72 8.70
CA GLY D 66 41.70 22.89 9.00
C GLY D 66 42.29 23.11 10.37
N ARG D 67 41.75 24.03 11.16
CA ARG D 67 42.23 24.28 12.52
C ARG D 67 41.18 24.03 13.59
N PHE D 68 39.91 24.15 13.25
CA PHE D 68 38.81 23.84 14.17
C PHE D 68 38.22 22.49 13.81
N THR D 69 37.46 21.92 14.75
CA THR D 69 36.75 20.68 14.50
C THR D 69 35.41 20.73 15.22
N ILE D 70 34.37 20.18 14.59
CA ILE D 70 33.04 20.15 15.17
C ILE D 70 32.59 18.70 15.24
N SER D 71 31.89 18.37 16.34
CA SER D 71 31.44 16.99 16.51
C SER D 71 30.28 16.94 17.48
N ARG D 72 29.25 16.18 17.14
CA ARG D 72 28.06 16.08 17.97
C ARG D 72 28.02 14.73 18.69
N ASP D 73 27.08 14.63 19.62
CA ASP D 73 26.84 13.40 20.39
C ASP D 73 25.36 13.38 20.73
N ASP D 74 24.59 12.58 20.02
CA ASP D 74 23.14 12.56 20.14
C ASP D 74 22.66 11.86 21.41
N PRO D 75 23.15 10.66 21.76
CA PRO D 75 22.71 10.03 23.01
C PRO D 75 22.97 10.89 24.24
N LYS D 76 24.08 11.62 24.27
CA LYS D 76 24.34 12.54 25.35
C LYS D 76 23.72 13.91 25.13
N ASN D 77 23.20 14.17 23.93
CA ASN D 77 22.55 15.45 23.59
C ASN D 77 23.48 16.63 23.84
N THR D 78 24.62 16.64 23.15
CA THR D 78 25.60 17.70 23.33
C THR D 78 26.39 17.86 22.03
N LEU D 79 26.92 19.05 21.80
CA LEU D 79 27.68 19.33 20.59
C LEU D 79 28.94 20.12 20.95
N PHE D 80 30.08 19.70 20.41
CA PHE D 80 31.39 20.20 20.79
C PHE D 80 32.10 20.87 19.61
N LEU D 81 32.84 21.93 19.92
CA LEU D 81 33.83 22.52 19.03
C LEU D 81 35.19 22.44 19.68
N GLN D 82 36.13 21.78 19.02
CA GLN D 82 37.50 21.65 19.50
C GLN D 82 38.39 22.54 18.65
N MET D 83 39.08 23.48 19.30
CA MET D 83 39.86 24.47 18.58
C MET D 83 41.29 24.51 19.14
N THR D 84 42.26 24.62 18.24
CA THR D 84 43.66 24.51 18.58
C THR D 84 44.45 25.67 17.97
N SER D 85 45.59 25.96 18.56
CA SER D 85 46.51 27.00 18.08
C SER D 85 45.78 28.35 17.98
N LEU D 86 45.35 28.83 19.15
CA LEU D 86 44.49 29.99 19.22
C LEU D 86 45.28 31.26 18.97
N ARG D 87 44.87 32.03 17.94
CA ARG D 87 45.54 33.27 17.59
C ARG D 87 44.92 34.41 18.40
N SER D 88 45.25 35.65 18.03
CA SER D 88 44.71 36.82 18.72
C SER D 88 43.41 37.31 18.11
N GLU D 89 43.00 36.77 16.97
CA GLU D 89 41.74 37.15 16.32
C GLU D 89 40.61 36.19 16.67
N ASP D 90 40.87 35.16 17.48
CA ASP D 90 39.84 34.22 17.92
C ASP D 90 39.14 34.66 19.19
N THR D 91 39.57 35.77 19.80
CA THR D 91 38.93 36.31 20.99
C THR D 91 37.52 36.80 20.63
N ALA D 92 36.50 36.15 21.16
CA ALA D 92 35.13 36.47 20.75
C ALA D 92 34.13 35.76 21.65
N MET D 93 32.86 36.04 21.40
CA MET D 93 31.73 35.37 22.03
C MET D 93 31.12 34.41 21.02
N TYR D 94 30.91 33.16 21.46
CA TYR D 94 30.46 32.09 20.58
C TYR D 94 29.01 31.72 20.91
N TYR D 95 28.18 31.64 19.87
CA TYR D 95 26.78 31.24 19.97
C TYR D 95 26.58 29.96 19.18
N CYS D 96 25.65 29.12 19.62
CA CYS D 96 25.31 27.88 18.94
C CYS D 96 23.87 27.97 18.47
N VAL D 97 23.63 27.64 17.20
CA VAL D 97 22.38 27.94 16.52
C VAL D 97 21.79 26.68 15.94
N ARG D 98 20.48 26.49 16.10
CA ARG D 98 19.75 25.43 15.45
C ARG D 98 19.49 25.75 13.99
N SER D 99 19.11 24.73 13.23
CA SER D 99 18.46 24.90 11.93
C SER D 99 17.96 23.55 11.47
N ILE D 100 16.73 23.51 10.96
CA ILE D 100 16.16 22.31 10.39
C ILE D 100 15.71 22.62 8.97
N TYR D 101 16.02 21.74 8.04
CA TYR D 101 15.81 22.00 6.61
C TYR D 101 14.84 20.98 6.05
N TYR D 102 13.66 21.45 5.65
CA TYR D 102 12.73 20.72 4.81
C TYR D 102 11.83 21.76 4.15
N TYR D 103 10.92 21.31 3.30
CA TYR D 103 10.10 22.25 2.54
C TYR D 103 9.20 23.03 3.50
N GLY D 104 9.51 24.30 3.69
CA GLY D 104 8.71 25.18 4.52
C GLY D 104 9.27 25.45 5.90
N SER D 105 10.42 24.89 6.25
CA SER D 105 11.00 25.12 7.56
C SER D 105 11.61 26.51 7.65
N SER D 106 12.01 26.90 8.85
CA SER D 106 12.58 28.22 9.12
C SER D 106 13.90 28.04 9.84
N PRO D 107 15.00 27.82 9.11
CA PRO D 107 16.28 27.60 9.76
C PRO D 107 16.71 28.79 10.61
N PHE D 108 17.63 28.52 11.54
CA PHE D 108 18.14 29.51 12.49
C PHE D 108 17.03 29.96 13.45
N ASP D 109 16.24 28.99 13.94
CA ASP D 109 15.17 29.27 14.88
C ASP D 109 15.69 29.85 16.19
N PHE D 110 16.47 29.05 16.93
CA PHE D 110 16.80 29.35 18.32
C PHE D 110 18.29 29.56 18.45
N TRP D 111 18.68 30.71 18.97
CA TRP D 111 20.07 31.00 19.26
C TRP D 111 20.32 30.84 20.75
N GLY D 112 21.46 30.24 21.10
CA GLY D 112 21.84 30.12 22.48
C GLY D 112 22.40 31.43 23.01
N GLN D 113 22.92 31.36 24.22
CA GLN D 113 23.62 32.49 24.85
C GLN D 113 25.06 32.05 25.06
N GLY D 114 25.93 32.39 24.11
CA GLY D 114 27.23 31.79 24.00
C GLY D 114 28.18 32.19 25.11
N THR D 115 29.45 31.83 24.91
CA THR D 115 30.48 31.99 25.91
C THR D 115 31.57 32.91 25.39
N THR D 116 32.27 33.59 26.31
CA THR D 116 33.34 34.49 25.96
C THR D 116 34.69 33.77 26.09
N LEU D 117 35.53 33.92 25.06
CA LEU D 117 36.90 33.41 25.13
C LEU D 117 37.85 34.54 24.73
N THR D 118 38.88 34.74 25.54
CA THR D 118 39.82 35.84 25.38
C THR D 118 41.24 35.28 25.34
N VAL D 119 42.13 35.97 24.63
CA VAL D 119 43.53 35.60 24.55
C VAL D 119 44.37 36.77 25.02
N SER D 120 45.62 36.48 25.36
CA SER D 120 46.53 37.51 25.83
C SER D 120 47.47 37.98 24.73
N GLY D 135 37.60 36.43 -1.38
CA GLY D 135 37.66 35.52 -2.52
C GLY D 135 36.37 35.59 -3.33
N SER D 136 35.64 34.48 -3.40
CA SER D 136 34.37 34.39 -4.11
C SER D 136 33.17 34.52 -3.18
N ASP D 137 33.39 34.92 -1.93
CA ASP D 137 32.31 35.06 -0.98
C ASP D 137 31.38 36.21 -1.38
N ILE D 138 30.13 36.11 -0.94
CA ILE D 138 29.11 37.11 -1.22
C ILE D 138 29.18 38.14 -0.11
N VAL D 139 29.59 39.35 -0.44
CA VAL D 139 29.70 40.43 0.54
C VAL D 139 28.38 41.17 0.61
N MET D 140 27.84 41.30 1.82
CA MET D 140 26.60 42.03 2.07
C MET D 140 26.93 43.34 2.75
N THR D 141 26.40 44.44 2.22
CA THR D 141 26.74 45.78 2.67
C THR D 141 25.55 46.40 3.37
N GLN D 142 25.76 46.88 4.59
CA GLN D 142 24.76 47.63 5.35
C GLN D 142 25.35 49.03 5.57
N ALA D 143 25.06 49.95 4.66
CA ALA D 143 25.71 51.26 4.66
C ALA D 143 25.41 52.02 5.94
N THR D 144 24.13 52.35 6.16
CA THR D 144 23.76 53.11 7.34
C THR D 144 24.03 52.29 8.60
N SER D 145 24.58 52.94 9.63
CA SER D 145 24.95 52.27 10.86
C SER D 145 24.30 52.88 12.09
N SER D 146 23.47 53.91 11.92
CA SER D 146 22.78 54.54 13.04
C SER D 146 21.54 55.23 12.51
N VAL D 147 20.38 54.88 13.08
CA VAL D 147 19.11 55.50 12.70
C VAL D 147 18.40 55.98 13.95
N PRO D 148 18.68 57.19 14.43
CA PRO D 148 17.94 57.72 15.60
C PRO D 148 16.52 58.09 15.21
N VAL D 149 15.56 57.53 15.92
CA VAL D 149 14.15 57.73 15.62
C VAL D 149 13.33 57.50 16.88
N THR D 150 12.25 58.25 17.02
CA THR D 150 11.34 58.15 18.15
C THR D 150 10.30 57.07 17.90
N PRO D 151 9.67 56.55 18.96
CA PRO D 151 8.59 55.58 18.77
C PRO D 151 7.42 56.15 17.98
N GLY D 152 6.75 55.27 17.24
CA GLY D 152 5.61 55.62 16.44
C GLY D 152 5.89 55.85 14.97
N GLU D 153 7.15 56.12 14.61
CA GLU D 153 7.49 56.36 13.22
C GLU D 153 7.64 55.03 12.47
N SER D 154 7.69 55.14 11.14
CA SER D 154 7.90 54.00 10.26
C SER D 154 9.34 54.07 9.76
N VAL D 155 10.10 53.00 9.99
CA VAL D 155 11.52 52.96 9.65
C VAL D 155 11.74 51.89 8.59
N SER D 156 12.78 52.08 7.79
CA SER D 156 13.14 51.14 6.73
C SER D 156 14.66 50.98 6.71
N ILE D 157 15.13 49.77 6.95
CA ILE D 157 16.55 49.43 6.90
C ILE D 157 16.83 48.78 5.56
N SER D 158 18.01 49.03 5.00
CA SER D 158 18.38 48.53 3.68
C SER D 158 19.61 47.64 3.77
N CYS D 159 19.58 46.53 3.03
CA CYS D 159 20.72 45.63 2.90
C CYS D 159 20.98 45.41 1.42
N ARG D 160 22.26 45.35 1.07
CA ARG D 160 22.69 45.21 -0.32
C ARG D 160 23.59 43.98 -0.44
N SER D 161 23.38 43.20 -1.49
CA SER D 161 24.11 41.97 -1.72
C SER D 161 25.16 42.17 -2.80
N SER D 162 26.12 41.24 -2.84
CA SER D 162 27.14 41.26 -3.89
C SER D 162 26.56 40.79 -5.22
N LYS D 163 26.06 39.56 -5.26
CA LYS D 163 25.40 39.00 -6.42
C LYS D 163 23.95 38.68 -6.08
N SER D 164 23.20 38.23 -7.09
CA SER D 164 21.78 37.97 -6.91
C SER D 164 21.57 36.77 -5.99
N LEU D 165 20.66 36.91 -5.03
CA LEU D 165 20.35 35.86 -4.08
C LEU D 165 19.15 35.01 -4.48
N LEU D 166 18.47 35.36 -5.57
CA LEU D 166 17.30 34.61 -6.01
C LEU D 166 17.73 33.38 -6.79
N HIS D 167 17.48 32.20 -6.23
CA HIS D 167 17.82 30.96 -6.90
C HIS D 167 16.82 30.68 -8.03
N SER D 168 17.08 29.62 -8.78
CA SER D 168 16.22 29.26 -9.89
C SER D 168 14.85 28.79 -9.42
N ASN D 169 14.78 28.16 -8.24
CA ASN D 169 13.52 27.65 -7.74
C ASN D 169 12.58 28.75 -7.27
N GLY D 170 13.07 29.99 -7.16
CA GLY D 170 12.25 31.13 -6.79
C GLY D 170 12.48 31.63 -5.38
N ASN D 171 13.17 30.88 -4.54
CA ASN D 171 13.41 31.30 -3.16
C ASN D 171 14.56 32.30 -3.11
N THR D 172 14.35 33.39 -2.39
CA THR D 172 15.38 34.41 -2.16
C THR D 172 15.89 34.24 -0.75
N TYR D 173 17.14 33.77 -0.62
CA TYR D 173 17.69 33.37 0.68
C TYR D 173 18.30 34.59 1.37
N LEU D 174 17.45 35.33 2.09
CA LEU D 174 17.89 36.43 2.93
C LEU D 174 17.23 36.30 4.30
N TYR D 175 18.01 36.52 5.36
CA TYR D 175 17.54 36.40 6.73
C TYR D 175 17.81 37.68 7.49
N TRP D 176 16.90 38.07 8.38
CA TRP D 176 17.02 39.27 9.18
C TRP D 176 17.05 38.88 10.65
N PHE D 177 18.07 39.34 11.38
CA PHE D 177 18.22 39.05 12.79
C PHE D 177 18.29 40.34 13.59
N LEU D 178 17.77 40.29 14.82
CA LEU D 178 17.76 41.43 15.72
C LEU D 178 18.50 41.05 17.00
N GLN D 179 19.48 41.86 17.38
CA GLN D 179 20.19 41.69 18.64
C GLN D 179 19.89 42.89 19.53
N ARG D 180 19.15 42.65 20.61
CA ARG D 180 18.84 43.67 21.58
C ARG D 180 20.04 43.89 22.51
N PRO D 181 20.14 45.07 23.14
CA PRO D 181 21.32 45.35 23.97
C PRO D 181 21.47 44.37 25.13
N GLY D 182 22.54 43.58 25.10
CA GLY D 182 22.79 42.60 26.15
C GLY D 182 22.08 41.28 25.98
N GLN D 183 21.61 40.96 24.78
CA GLN D 183 20.85 39.73 24.56
C GLN D 183 21.36 39.07 23.27
N SER D 184 21.01 37.79 23.11
CA SER D 184 21.38 37.03 21.93
C SER D 184 20.48 37.40 20.75
N PRO D 185 20.93 37.15 19.53
CA PRO D 185 20.10 37.46 18.36
C PRO D 185 18.87 36.56 18.30
N GLN D 186 17.91 36.99 17.48
CA GLN D 186 16.69 36.22 17.28
C GLN D 186 16.18 36.48 15.87
N LEU D 187 15.61 35.44 15.27
CA LEU D 187 15.18 35.51 13.89
C LEU D 187 13.90 36.33 13.75
N LEU D 188 13.88 37.20 12.73
CA LEU D 188 12.70 37.99 12.40
C LEU D 188 12.10 37.60 11.06
N ILE D 189 12.90 37.63 10.00
CA ILE D 189 12.46 37.32 8.64
C ILE D 189 13.35 36.24 8.08
N TYR D 190 12.75 35.21 7.48
CA TYR D 190 13.51 34.17 6.82
C TYR D 190 13.08 34.07 5.37
N ARG D 191 14.07 33.97 4.47
CA ARG D 191 13.84 33.95 3.02
C ARG D 191 13.19 35.24 2.53
N MET D 192 13.48 36.34 3.22
CA MET D 192 13.26 37.71 2.75
C MET D 192 11.79 38.11 2.76
N SER D 193 10.90 37.17 2.97
CA SER D 193 9.48 37.52 2.94
C SER D 193 8.71 36.99 4.14
N ASN D 194 9.02 35.79 4.59
CA ASN D 194 8.22 35.13 5.61
C ASN D 194 8.52 35.68 7.00
N LEU D 195 7.53 35.59 7.87
CA LEU D 195 7.61 36.13 9.22
C LEU D 195 7.82 34.98 10.20
N ALA D 196 8.87 35.09 11.01
CA ALA D 196 9.17 34.06 11.99
C ALA D 196 8.06 33.99 13.04
N SER D 197 7.83 32.79 13.57
CA SER D 197 6.76 32.56 14.52
C SER D 197 7.19 33.09 15.89
N GLY D 198 6.39 33.99 16.45
CA GLY D 198 6.66 34.55 17.76
C GLY D 198 7.09 36.01 17.78
N VAL D 199 6.92 36.73 16.67
CA VAL D 199 7.31 38.14 16.62
C VAL D 199 6.10 38.96 16.21
N PRO D 200 6.03 40.23 16.59
CA PRO D 200 4.86 41.05 16.22
C PRO D 200 4.73 41.22 14.72
N ASP D 201 3.49 41.37 14.28
CA ASP D 201 3.18 41.46 12.86
C ASP D 201 3.66 42.77 12.22
N ARG D 202 4.09 43.74 13.02
CA ARG D 202 4.50 45.04 12.47
C ARG D 202 5.75 44.93 11.60
N PHE D 203 6.61 43.95 11.86
CA PHE D 203 7.80 43.77 11.04
C PHE D 203 7.43 43.23 9.67
N SER D 204 8.14 43.70 8.64
CA SER D 204 7.93 43.17 7.30
C SER D 204 9.24 43.25 6.53
N GLY D 205 9.34 42.43 5.48
CA GLY D 205 10.53 42.44 4.65
C GLY D 205 10.20 42.33 3.18
N SER D 206 10.92 43.05 2.33
CA SER D 206 10.63 43.05 0.91
C SER D 206 11.91 43.40 0.15
N GLY D 207 11.77 43.58 -1.15
CA GLY D 207 12.88 43.93 -2.01
C GLY D 207 13.08 42.94 -3.14
N SER D 208 14.09 43.20 -3.94
CA SER D 208 14.46 42.34 -5.06
C SER D 208 15.92 41.94 -4.93
N GLY D 209 16.38 41.10 -5.86
CA GLY D 209 17.75 40.65 -5.85
C GLY D 209 18.72 41.81 -5.80
N THR D 210 19.71 41.71 -4.92
CA THR D 210 20.79 42.66 -4.67
C THR D 210 20.31 43.87 -3.85
N ALA D 211 19.02 44.01 -3.56
CA ALA D 211 18.53 45.17 -2.82
C ALA D 211 17.31 44.78 -1.99
N PHE D 212 17.49 44.66 -0.68
CA PHE D 212 16.44 44.23 0.22
C PHE D 212 16.20 45.28 1.29
N THR D 213 14.98 45.30 1.83
CA THR D 213 14.62 46.26 2.86
C THR D 213 13.76 45.60 3.92
N LEU D 214 13.90 46.07 5.15
CA LEU D 214 13.10 45.64 6.29
C LEU D 214 12.34 46.85 6.83
N THR D 215 11.03 46.74 6.90
CA THR D 215 10.16 47.83 7.30
C THR D 215 9.58 47.56 8.68
N ILE D 216 9.67 48.56 9.56
CA ILE D 216 9.06 48.50 10.88
C ILE D 216 8.02 49.62 10.95
N SER D 217 6.78 49.25 11.25
CA SER D 217 5.69 50.20 11.39
C SER D 217 5.25 50.26 12.84
N ARG D 218 4.95 51.47 13.32
CA ARG D 218 4.55 51.71 14.70
C ARG D 218 5.63 51.22 15.66
N LEU D 219 6.80 51.87 15.56
CA LEU D 219 7.93 51.52 16.40
C LEU D 219 7.58 51.69 17.88
N GLU D 220 8.07 50.76 18.69
CA GLU D 220 7.77 50.73 20.11
C GLU D 220 9.06 50.48 20.88
N ALA D 221 8.94 50.39 22.20
CA ALA D 221 10.07 49.97 23.02
C ALA D 221 10.33 48.48 22.82
N GLU D 222 11.43 48.01 23.41
CA GLU D 222 11.89 46.63 23.21
C GLU D 222 12.11 46.33 21.72
N ASP D 223 12.53 47.35 20.97
CA ASP D 223 12.75 47.21 19.54
C ASP D 223 14.10 47.78 19.13
N VAL D 224 14.68 48.69 19.92
CA VAL D 224 15.98 49.26 19.63
C VAL D 224 17.04 48.18 19.77
N GLY D 225 18.07 48.25 18.95
CA GLY D 225 19.09 47.22 18.92
C GLY D 225 19.86 47.30 17.61
N VAL D 226 20.49 46.19 17.27
CA VAL D 226 21.30 46.08 16.06
C VAL D 226 20.66 45.06 15.13
N TYR D 227 20.52 45.43 13.87
CA TYR D 227 19.85 44.59 12.86
C TYR D 227 20.86 44.08 11.87
N TYR D 228 20.86 42.77 11.64
CA TYR D 228 21.82 42.12 10.75
C TYR D 228 21.08 41.40 9.62
N CYS D 229 21.69 41.40 8.44
CA CYS D 229 21.19 40.65 7.30
C CYS D 229 22.19 39.56 6.94
N MET D 230 21.65 38.40 6.58
CA MET D 230 22.44 37.21 6.26
C MET D 230 21.97 36.64 4.94
N GLN D 231 22.89 35.98 4.23
CA GLN D 231 22.57 35.22 3.04
C GLN D 231 22.85 33.74 3.29
N HIS D 232 21.98 32.89 2.76
CA HIS D 232 22.14 31.44 2.89
C HIS D 232 22.13 30.77 1.53
N LEU D 233 22.49 31.51 0.48
CA LEU D 233 22.49 30.95 -0.87
C LEU D 233 23.56 29.90 -1.06
N GLU D 234 24.75 30.12 -0.49
CA GLU D 234 25.82 29.13 -0.56
C GLU D 234 26.80 29.41 0.57
N TYR D 235 27.54 28.38 0.95
CA TYR D 235 28.53 28.58 2.01
C TYR D 235 29.78 29.24 1.44
N PRO D 236 30.49 30.06 2.23
CA PRO D 236 30.23 30.44 3.63
C PRO D 236 29.04 31.38 3.80
N LEU D 237 28.47 31.42 5.00
CA LEU D 237 27.39 32.34 5.32
C LEU D 237 27.99 33.65 5.81
N THR D 238 27.63 34.74 5.15
CA THR D 238 28.20 36.05 5.43
C THR D 238 27.14 36.97 6.01
N PHE D 239 27.52 37.72 7.04
CA PHE D 239 26.61 38.63 7.73
C PHE D 239 26.80 40.06 7.20
N GLY D 240 26.00 40.96 7.74
CA GLY D 240 26.14 42.38 7.47
C GLY D 240 27.04 43.05 8.47
N ALA D 241 26.84 44.35 8.64
CA ALA D 241 27.61 45.13 9.61
C ALA D 241 26.77 45.67 10.75
N GLY D 242 25.46 45.79 10.60
CA GLY D 242 24.60 46.23 11.68
C GLY D 242 24.21 47.69 11.60
N THR D 243 22.97 48.00 11.97
CA THR D 243 22.46 49.38 11.99
C THR D 243 21.84 49.60 13.37
N LYS D 244 22.56 50.30 14.25
CA LYS D 244 22.14 50.46 15.64
C LYS D 244 21.00 51.47 15.70
N LEU D 245 19.78 50.97 15.84
CA LEU D 245 18.62 51.85 16.02
C LEU D 245 18.58 52.37 17.44
N GLU D 246 18.58 53.70 17.59
CA GLU D 246 18.55 54.35 18.88
C GLU D 246 17.26 55.13 19.04
N LEU D 247 17.08 55.72 20.23
CA LEU D 247 15.88 56.48 20.54
C LEU D 247 16.07 57.96 20.20
N GLN E 166 31.09 -34.26 -44.95
CA GLN E 166 30.71 -32.87 -44.79
C GLN E 166 29.36 -32.74 -44.07
N THR E 167 29.24 -31.71 -43.23
CA THR E 167 28.01 -31.47 -42.51
C THR E 167 27.76 -29.97 -42.46
N LEU E 168 26.68 -29.52 -43.09
CA LEU E 168 26.31 -28.11 -43.11
C LEU E 168 24.89 -27.93 -42.57
N SER E 169 24.10 -29.00 -42.63
CA SER E 169 22.77 -29.00 -42.05
C SER E 169 22.87 -28.74 -40.55
N LEU E 170 23.94 -29.23 -39.93
CA LEU E 170 24.14 -28.98 -38.51
C LEU E 170 24.34 -27.49 -38.24
N THR E 171 25.12 -26.82 -39.10
CA THR E 171 25.31 -25.37 -38.94
C THR E 171 24.01 -24.61 -39.17
N VAL E 172 23.22 -25.05 -40.16
CA VAL E 172 21.94 -24.39 -40.41
C VAL E 172 21.00 -24.55 -39.22
N LEU E 173 20.94 -25.76 -38.64
CA LEU E 173 20.13 -25.97 -37.44
C LEU E 173 20.65 -25.12 -36.28
N THR E 174 21.97 -24.99 -36.16
CA THR E 174 22.55 -24.14 -35.14
C THR E 174 22.09 -22.70 -35.31
N CYS E 175 22.08 -22.21 -36.54
CA CYS E 175 21.61 -20.85 -36.82
C CYS E 175 20.14 -20.68 -36.46
N ILE E 176 19.31 -21.67 -36.82
CA ILE E 176 17.88 -21.57 -36.53
C ILE E 176 17.63 -21.55 -35.03
N VAL E 177 18.32 -22.44 -34.30
CA VAL E 177 18.18 -22.54 -32.85
C VAL E 177 18.69 -21.24 -32.22
N SER E 178 19.77 -20.68 -32.77
CA SER E 178 20.28 -19.42 -32.27
C SER E 178 19.26 -18.30 -32.47
N LEU E 179 18.59 -18.27 -33.62
CA LEU E 179 17.58 -17.24 -33.85
C LEU E 179 16.42 -17.36 -32.86
N VAL E 180 15.92 -18.58 -32.66
CA VAL E 180 14.78 -18.74 -31.77
C VAL E 180 15.18 -18.46 -30.33
N GLY E 181 16.39 -18.86 -29.93
CA GLY E 181 16.85 -18.53 -28.59
C GLY E 181 17.07 -17.04 -28.40
N LEU E 182 17.57 -16.37 -29.45
CA LEU E 182 17.77 -14.92 -29.38
C LEU E 182 16.45 -14.20 -29.19
N THR E 183 15.42 -14.57 -29.96
CA THR E 183 14.14 -13.89 -29.80
C THR E 183 13.49 -14.23 -28.45
N GLY E 184 13.65 -15.48 -27.98
CA GLY E 184 13.12 -15.81 -26.66
C GLY E 184 13.80 -15.02 -25.55
N ASN E 185 15.13 -14.93 -25.59
CA ASN E 185 15.85 -14.15 -24.60
C ASN E 185 15.49 -12.67 -24.68
N ALA E 186 15.34 -12.13 -25.90
CA ALA E 186 14.97 -10.74 -26.04
C ALA E 186 13.59 -10.46 -25.46
N VAL E 187 12.60 -11.32 -25.74
CA VAL E 187 11.28 -11.07 -25.21
C VAL E 187 11.27 -11.25 -23.69
N VAL E 188 12.02 -12.22 -23.16
CA VAL E 188 12.08 -12.40 -21.72
C VAL E 188 12.69 -11.17 -21.07
N LEU E 189 13.76 -10.63 -21.66
CA LEU E 189 14.35 -9.38 -21.18
C LEU E 189 13.33 -8.25 -21.23
N TRP E 190 12.47 -8.25 -22.26
CA TRP E 190 11.46 -7.20 -22.37
C TRP E 190 10.47 -7.26 -21.22
N LEU E 191 9.93 -8.46 -20.95
CA LEU E 191 8.89 -8.64 -19.90
C LEU E 191 9.49 -8.55 -18.50
N LEU E 192 10.79 -8.75 -18.35
CA LEU E 192 11.44 -8.69 -17.05
C LEU E 192 12.42 -7.53 -16.94
N GLY E 193 12.30 -6.52 -17.80
CA GLY E 193 13.21 -5.40 -17.79
C GLY E 193 13.27 -4.63 -16.48
N CYS E 194 12.15 -4.00 -16.09
CA CYS E 194 12.15 -3.12 -14.92
C CYS E 194 10.92 -3.35 -14.05
N ARG E 195 10.21 -4.46 -14.25
CA ARG E 195 8.99 -4.68 -13.48
C ARG E 195 8.54 -6.13 -13.48
N MET E 196 7.31 -6.37 -13.00
CA MET E 196 6.52 -7.59 -12.98
C MET E 196 7.05 -8.61 -11.98
N ARG E 197 8.23 -8.38 -11.42
CA ARG E 197 8.80 -9.19 -10.34
C ARG E 197 10.12 -8.60 -9.91
N ARG E 198 10.47 -8.85 -8.65
CA ARG E 198 11.79 -8.53 -8.12
C ARG E 198 12.26 -9.63 -7.18
N ASN E 199 11.84 -10.87 -7.44
CA ASN E 199 12.31 -12.00 -6.67
C ASN E 199 13.78 -12.27 -6.96
N ALA E 200 14.40 -13.10 -6.13
CA ALA E 200 15.73 -13.60 -6.45
C ALA E 200 15.68 -14.44 -7.73
N PHE E 201 14.64 -15.24 -7.89
CA PHE E 201 14.50 -16.07 -9.09
C PHE E 201 14.44 -15.21 -10.34
N SER E 202 13.68 -14.12 -10.30
CA SER E 202 13.55 -13.26 -11.48
C SER E 202 14.87 -12.56 -11.82
N ILE E 203 15.62 -12.13 -10.81
CA ILE E 203 16.92 -11.51 -11.06
C ILE E 203 17.88 -12.52 -11.69
N TYR E 204 17.91 -13.74 -11.15
CA TYR E 204 18.76 -14.78 -11.74
C TYR E 204 18.34 -15.07 -13.17
N ILE E 205 17.04 -15.12 -13.44
CA ILE E 205 16.57 -15.39 -14.79
C ILE E 205 16.96 -14.25 -15.73
N LEU E 206 16.90 -13.01 -15.25
CA LEU E 206 17.30 -11.88 -16.07
C LEU E 206 18.77 -11.95 -16.44
N ASN E 207 19.63 -12.23 -15.46
CA ASN E 207 21.06 -12.32 -15.75
C ASN E 207 21.35 -13.49 -16.68
N LEU E 208 20.69 -14.63 -16.47
CA LEU E 208 20.86 -15.78 -17.34
C LEU E 208 20.43 -15.46 -18.76
N ALA E 209 19.31 -14.74 -18.92
CA ALA E 209 18.85 -14.36 -20.24
C ALA E 209 19.80 -13.40 -20.93
N ALA E 210 20.39 -12.46 -20.18
CA ALA E 210 21.37 -11.56 -20.78
C ALA E 210 22.61 -12.32 -21.25
N ALA E 211 23.12 -13.22 -20.42
CA ALA E 211 24.29 -14.01 -20.81
C ALA E 211 23.99 -14.88 -22.02
N ASP E 212 22.80 -15.50 -22.04
CA ASP E 212 22.43 -16.33 -23.18
C ASP E 212 22.24 -15.49 -24.44
N PHE E 213 21.73 -14.27 -24.30
CA PHE E 213 21.60 -13.37 -25.46
C PHE E 213 22.97 -13.05 -26.03
N LEU E 214 23.94 -12.73 -25.18
CA LEU E 214 25.30 -12.48 -25.67
C LEU E 214 25.88 -13.71 -26.35
N PHE E 215 25.72 -14.88 -25.73
CA PHE E 215 26.28 -16.10 -26.28
C PHE E 215 25.66 -16.43 -27.63
N LEU E 216 24.34 -16.29 -27.74
CA LEU E 216 23.66 -16.61 -28.99
C LEU E 216 23.98 -15.60 -30.08
N SER E 217 24.14 -14.32 -29.72
CA SER E 217 24.58 -13.34 -30.70
C SER E 217 25.95 -13.70 -31.26
N GLY E 218 26.89 -14.02 -30.37
CA GLY E 218 28.22 -14.43 -30.83
C GLY E 218 28.17 -15.67 -31.69
N ARG E 219 27.38 -16.67 -31.28
CA ARG E 219 27.27 -17.90 -32.05
C ARG E 219 26.67 -17.65 -33.42
N LEU E 220 25.64 -16.80 -33.51
CA LEU E 220 25.01 -16.51 -34.79
C LEU E 220 25.98 -15.79 -35.72
N ILE E 221 26.71 -14.80 -35.20
CA ILE E 221 27.66 -14.08 -36.05
C ILE E 221 28.77 -15.02 -36.52
N TYR E 222 29.27 -15.88 -35.63
CA TYR E 222 30.32 -16.81 -36.03
C TYR E 222 29.82 -17.81 -37.06
N SER E 223 28.61 -18.31 -36.89
CA SER E 223 28.04 -19.26 -37.84
C SER E 223 27.83 -18.61 -39.21
N LEU E 224 27.37 -17.36 -39.23
CA LEU E 224 27.25 -16.66 -40.50
C LEU E 224 28.61 -16.43 -41.14
N LEU E 225 29.62 -16.13 -40.32
CA LEU E 225 30.98 -15.99 -40.84
C LEU E 225 31.51 -17.30 -41.38
N SER E 226 31.02 -18.43 -40.86
CA SER E 226 31.52 -19.73 -41.29
C SER E 226 31.21 -20.02 -42.75
N PHE E 227 30.12 -19.45 -43.28
CA PHE E 227 29.69 -19.77 -44.64
C PHE E 227 30.66 -19.21 -45.67
N ILE E 228 30.83 -17.89 -45.69
CA ILE E 228 31.67 -17.21 -46.68
C ILE E 228 32.82 -16.45 -46.01
N SER E 229 32.49 -15.54 -45.10
CA SER E 229 33.51 -14.71 -44.45
C SER E 229 34.44 -15.56 -43.59
N PRO E 231 36.81 -13.60 -42.09
CA PRO E 231 38.26 -13.67 -41.87
C PRO E 231 38.61 -14.10 -40.45
N HIS E 232 39.91 -14.27 -40.18
CA HIS E 232 40.33 -14.77 -38.87
C HIS E 232 40.27 -13.69 -37.80
N THR E 233 40.47 -12.43 -38.16
CA THR E 233 40.52 -11.36 -37.17
C THR E 233 39.17 -11.18 -36.49
N ILE E 234 38.09 -11.19 -37.27
CA ILE E 234 36.76 -11.03 -36.69
C ILE E 234 36.41 -12.23 -35.81
N SER E 235 36.83 -13.44 -36.20
CA SER E 235 36.65 -14.59 -35.33
C SER E 235 37.45 -14.45 -34.05
N LYS E 236 38.65 -13.87 -34.16
CA LYS E 236 39.45 -13.58 -32.96
C LYS E 236 38.72 -12.64 -32.03
N ILE E 237 38.05 -11.63 -32.59
CA ILE E 237 37.25 -10.71 -31.77
C ILE E 237 36.07 -11.46 -31.15
N LEU E 238 35.45 -12.35 -31.92
CA LEU E 238 34.21 -13.01 -31.51
C LEU E 238 34.44 -14.00 -30.37
N TYR E 239 35.54 -14.74 -30.42
CA TYR E 239 35.77 -15.87 -29.51
C TYR E 239 35.71 -15.50 -28.02
N PRO E 240 36.44 -14.48 -27.55
CA PRO E 240 36.47 -14.25 -26.09
C PRO E 240 35.13 -13.89 -25.47
N VAL E 241 34.33 -13.07 -26.14
CA VAL E 241 33.02 -12.71 -25.59
C VAL E 241 32.11 -13.93 -25.53
N MET E 242 32.22 -14.81 -26.54
CA MET E 242 31.44 -16.04 -26.52
C MET E 242 31.82 -16.93 -25.33
N MET E 243 33.12 -17.15 -25.15
CA MET E 243 33.56 -18.02 -24.06
C MET E 243 33.48 -17.34 -22.70
N PHE E 244 33.18 -16.05 -22.66
CA PHE E 244 32.88 -15.33 -21.42
C PHE E 244 31.41 -15.50 -21.05
N SER E 245 30.52 -15.26 -22.01
CA SER E 245 29.09 -15.44 -21.78
C SER E 245 28.74 -16.90 -21.50
N TYR E 246 29.47 -17.85 -22.09
CA TYR E 246 29.21 -19.26 -21.85
C TYR E 246 29.34 -19.60 -20.37
N PHE E 247 30.48 -19.24 -19.78
CA PHE E 247 30.70 -19.52 -18.37
C PHE E 247 29.79 -18.69 -17.49
N ALA E 248 29.44 -17.47 -17.92
CA ALA E 248 28.46 -16.69 -17.17
C ALA E 248 27.13 -17.45 -17.07
N GLY E 249 26.65 -17.98 -18.20
CA GLY E 249 25.40 -18.72 -18.18
C GLY E 249 25.46 -19.98 -17.35
N LEU E 250 26.55 -20.74 -17.46
CA LEU E 250 26.67 -21.95 -16.65
C LEU E 250 26.70 -21.63 -15.16
N SER E 251 27.42 -20.57 -14.77
CA SER E 251 27.45 -20.17 -13.37
C SER E 251 26.07 -19.76 -12.89
N PHE E 252 25.30 -19.06 -13.74
CA PHE E 252 23.96 -18.66 -13.34
C PHE E 252 23.05 -19.87 -13.15
N LEU E 253 23.17 -20.88 -14.02
CA LEU E 253 22.38 -22.11 -13.83
C LEU E 253 22.73 -22.78 -12.51
N SER E 254 24.03 -22.93 -12.21
CA SER E 254 24.41 -23.56 -10.95
C SER E 254 23.92 -22.76 -9.75
N ALA E 255 23.98 -21.43 -9.83
CA ALA E 255 23.49 -20.60 -8.74
C ALA E 255 21.99 -20.75 -8.55
N VAL E 256 21.23 -20.84 -9.64
CA VAL E 256 19.79 -21.04 -9.52
C VAL E 256 19.49 -22.36 -8.83
N SER E 257 20.19 -23.42 -9.22
CA SER E 257 19.95 -24.73 -8.59
C SER E 257 20.29 -24.69 -7.10
N THR E 258 21.42 -24.07 -6.75
CA THR E 258 21.78 -23.97 -5.34
C THR E 258 20.75 -23.16 -4.56
N GLU E 259 20.23 -22.09 -5.16
CA GLU E 259 19.25 -21.26 -4.48
C GLU E 259 17.94 -22.01 -4.26
N ARG E 260 17.48 -22.79 -5.25
CA ARG E 260 16.25 -23.55 -5.03
C ARG E 260 16.45 -24.63 -3.97
N CYS E 261 17.62 -25.29 -3.96
CA CYS E 261 17.87 -26.28 -2.91
C CYS E 261 17.87 -25.64 -1.54
N LEU E 262 18.52 -24.48 -1.39
CA LEU E 262 18.51 -23.78 -0.11
C LEU E 262 17.13 -23.27 0.25
N SER E 263 16.31 -22.92 -0.74
CA SER E 263 14.93 -22.51 -0.47
C SER E 263 14.13 -23.64 0.13
N VAL E 264 14.22 -24.84 -0.45
CA VAL E 264 13.45 -25.97 0.07
C VAL E 264 14.00 -26.45 1.40
N LEU E 265 15.33 -26.50 1.55
CA LEU E 265 15.94 -27.02 2.76
C LEU E 265 15.55 -26.20 3.98
N TRP E 266 15.79 -24.89 3.92
CA TRP E 266 15.42 -23.97 5.00
C TRP E 266 14.36 -23.01 4.50
N PRO E 267 13.07 -23.23 4.79
CA PRO E 267 12.03 -22.43 4.16
C PRO E 267 11.82 -21.07 4.82
N ILE E 268 12.10 -20.98 6.12
CA ILE E 268 11.87 -19.72 6.83
C ILE E 268 13.02 -18.74 6.58
N TRP E 269 14.25 -19.24 6.57
CA TRP E 269 15.39 -18.34 6.33
C TRP E 269 15.32 -17.71 4.95
N TYR E 270 14.93 -18.49 3.93
CA TYR E 270 14.86 -17.95 2.58
C TYR E 270 13.80 -16.86 2.47
N ARG E 271 12.81 -16.87 3.34
CA ARG E 271 11.70 -15.93 3.25
C ARG E 271 11.82 -14.78 4.24
N CYS E 272 12.04 -15.07 5.52
CA CYS E 272 12.09 -14.03 6.55
C CYS E 272 13.48 -13.40 6.63
N HIS E 273 14.50 -14.19 6.96
CA HIS E 273 15.83 -13.66 7.22
C HIS E 273 16.74 -13.85 6.00
N ARG E 274 16.45 -13.07 4.96
CA ARG E 274 17.29 -13.12 3.78
C ARG E 274 17.54 -11.71 3.25
N PRO E 275 18.79 -11.37 2.92
CA PRO E 275 19.06 -10.05 2.34
C PRO E 275 18.32 -9.85 1.04
N THR E 276 17.81 -8.63 0.85
CA THR E 276 16.98 -8.35 -0.32
C THR E 276 17.81 -8.33 -1.59
N HIS E 277 18.99 -7.70 -1.55
CA HIS E 277 19.81 -7.50 -2.74
C HIS E 277 20.87 -8.58 -2.93
N LEU E 278 20.96 -9.54 -2.01
CA LEU E 278 22.03 -10.53 -2.05
C LEU E 278 22.14 -11.17 -3.44
N SER E 279 21.00 -11.61 -3.98
CA SER E 279 20.95 -12.16 -5.32
C SER E 279 21.76 -11.29 -6.28
N ALA E 280 21.32 -10.04 -6.45
CA ALA E 280 22.01 -9.14 -7.38
C ALA E 280 23.50 -9.11 -7.09
N VAL E 281 23.87 -8.97 -5.81
CA VAL E 281 25.28 -8.94 -5.44
C VAL E 281 26.00 -10.13 -6.05
N VAL E 282 25.57 -11.34 -5.72
CA VAL E 282 26.32 -12.51 -6.16
C VAL E 282 26.33 -12.56 -7.68
N CYS E 283 25.24 -12.10 -8.32
CA CYS E 283 25.20 -12.11 -9.77
C CYS E 283 26.38 -11.35 -10.35
N VAL E 284 26.58 -10.10 -9.90
CA VAL E 284 27.67 -9.33 -10.49
C VAL E 284 28.99 -10.01 -10.19
N LEU E 285 29.12 -10.61 -9.00
CA LEU E 285 30.35 -11.32 -8.68
C LEU E 285 30.61 -12.38 -9.73
N LEU E 286 29.60 -13.19 -10.04
CA LEU E 286 29.77 -14.21 -11.07
C LEU E 286 30.26 -13.60 -12.37
N TRP E 287 29.61 -12.50 -12.80
CA TRP E 287 30.04 -11.83 -14.02
C TRP E 287 31.53 -11.55 -13.97
N ALA E 288 31.98 -10.91 -12.87
CA ALA E 288 33.38 -10.55 -12.77
C ALA E 288 34.25 -11.77 -12.95
N LEU E 289 33.93 -12.85 -12.24
CA LEU E 289 34.77 -14.05 -12.31
C LEU E 289 34.93 -14.48 -13.76
N SER E 290 33.84 -14.51 -14.52
CA SER E 290 33.93 -14.93 -15.91
C SER E 290 34.94 -14.09 -16.65
N LEU E 291 34.80 -12.76 -16.60
CA LEU E 291 35.71 -11.92 -17.37
C LEU E 291 37.13 -12.12 -16.89
N LEU E 292 37.32 -12.36 -15.60
CA LEU E 292 38.66 -12.62 -15.09
C LEU E 292 39.30 -13.76 -15.87
N ARG E 293 38.61 -14.89 -15.94
CA ARG E 293 39.16 -16.01 -16.69
C ARG E 293 39.45 -15.60 -18.12
N SER E 294 38.52 -14.85 -18.72
CA SER E 294 38.71 -14.40 -20.09
C SER E 294 40.03 -13.67 -20.25
N ILE E 295 40.28 -12.66 -19.40
CA ILE E 295 41.52 -11.91 -19.58
C ILE E 295 42.71 -12.81 -19.30
N LEU E 296 42.57 -13.71 -18.32
CA LEU E 296 43.62 -14.69 -18.10
C LEU E 296 43.86 -15.51 -19.36
N GLU E 297 42.79 -15.99 -19.99
CA GLU E 297 42.93 -16.77 -21.21
C GLU E 297 43.63 -15.95 -22.30
N TRP E 298 43.42 -14.63 -22.29
CA TRP E 298 44.10 -13.80 -23.28
C TRP E 298 45.56 -13.59 -22.95
N MET E 299 45.92 -13.50 -21.67
CA MET E 299 47.28 -13.08 -21.31
C MET E 299 48.18 -14.29 -21.09
N LEU E 300 47.83 -15.11 -20.09
CA LEU E 300 48.70 -16.19 -19.62
C LEU E 300 48.88 -17.26 -20.68
N CYS E 301 48.13 -17.16 -21.77
CA CYS E 301 48.34 -18.00 -22.95
C CYS E 301 48.70 -17.22 -24.20
N GLY E 302 48.30 -15.96 -24.31
CA GLY E 302 48.34 -15.35 -25.63
C GLY E 302 49.54 -14.52 -26.02
N PHE E 303 49.87 -13.48 -25.27
CA PHE E 303 50.93 -12.58 -25.71
C PHE E 303 51.95 -12.25 -24.64
N LEU E 304 51.50 -12.09 -23.39
CA LEU E 304 52.39 -11.60 -22.35
C LEU E 304 53.50 -12.59 -22.03
N PHE E 305 53.22 -13.89 -22.14
CA PHE E 305 54.21 -14.92 -21.90
C PHE E 305 54.50 -15.78 -23.12
N SER E 306 53.76 -15.63 -24.20
CA SER E 306 53.92 -16.44 -25.41
C SER E 306 53.79 -17.93 -25.11
N GLY E 307 53.02 -18.27 -24.08
CA GLY E 307 52.88 -19.64 -23.67
C GLY E 307 51.76 -20.37 -24.39
N ALA E 308 51.95 -20.60 -25.70
CA ALA E 308 50.96 -21.35 -26.46
C ALA E 308 50.80 -22.77 -25.94
N ASP E 309 51.92 -23.44 -25.63
CA ASP E 309 51.86 -24.79 -25.07
C ASP E 309 52.84 -25.05 -23.94
N SER E 310 53.82 -24.17 -23.70
CA SER E 310 54.97 -24.53 -22.87
C SER E 310 54.63 -24.85 -21.42
N ALA E 311 54.23 -23.84 -20.64
CA ALA E 311 54.06 -24.10 -19.22
C ALA E 311 52.74 -23.58 -18.64
N TRP E 312 52.26 -22.43 -19.12
CA TRP E 312 51.18 -21.74 -18.42
C TRP E 312 49.79 -22.11 -18.93
N CYS E 313 49.63 -22.23 -20.26
CA CYS E 313 48.32 -22.53 -20.80
C CYS E 313 47.83 -23.90 -20.35
N GLN E 314 48.74 -24.83 -20.06
CA GLN E 314 48.36 -26.10 -19.48
C GLN E 314 47.65 -25.91 -18.16
N THR E 315 48.24 -25.10 -17.27
CA THR E 315 47.61 -24.82 -15.99
C THR E 315 46.29 -24.08 -16.15
N SER E 316 46.23 -23.12 -17.09
CA SER E 316 44.98 -22.39 -17.31
C SER E 316 43.86 -23.32 -17.76
N ASP E 317 44.16 -24.22 -18.70
CA ASP E 317 43.12 -25.13 -19.18
C ASP E 317 42.74 -26.16 -18.13
N PHE E 318 43.70 -26.61 -17.33
CA PHE E 318 43.37 -27.50 -16.21
C PHE E 318 42.45 -26.79 -15.23
N ILE E 319 42.70 -25.51 -14.95
CA ILE E 319 41.84 -24.74 -14.07
C ILE E 319 40.44 -24.62 -14.66
N THR E 320 40.35 -24.36 -15.96
CA THR E 320 39.05 -24.24 -16.61
C THR E 320 38.26 -25.54 -16.51
N VAL E 321 38.93 -26.68 -16.77
CA VAL E 321 38.24 -27.97 -16.68
C VAL E 321 37.80 -28.25 -15.24
N ALA E 322 38.65 -27.94 -14.26
CA ALA E 322 38.28 -28.14 -12.87
C ALA E 322 37.08 -27.29 -12.49
N TRP E 323 37.04 -26.04 -12.94
CA TRP E 323 35.91 -25.17 -12.65
C TRP E 323 34.62 -25.71 -13.29
N LEU E 324 34.71 -26.21 -14.52
CA LEU E 324 33.53 -26.77 -15.16
C LEU E 324 33.03 -28.00 -14.40
N ILE E 325 33.94 -28.88 -13.98
CA ILE E 325 33.55 -30.04 -13.20
C ILE E 325 32.92 -29.63 -11.88
N PHE E 326 33.46 -28.58 -11.25
CA PHE E 326 32.89 -28.09 -9.99
C PHE E 326 31.47 -27.58 -10.20
N LEU E 327 31.22 -26.84 -11.28
CA LEU E 327 29.87 -26.37 -11.56
C LEU E 327 28.91 -27.55 -11.76
N CYS E 328 29.34 -28.55 -12.53
CA CYS E 328 28.50 -29.72 -12.75
C CYS E 328 28.16 -30.42 -11.45
N VAL E 329 29.18 -30.64 -10.60
CA VAL E 329 28.93 -31.38 -9.36
C VAL E 329 28.09 -30.55 -8.40
N VAL E 330 28.23 -29.22 -8.42
CA VAL E 330 27.40 -28.38 -7.55
C VAL E 330 25.93 -28.49 -7.95
N LEU E 331 25.65 -28.38 -9.24
CA LEU E 331 24.26 -28.49 -9.69
C LEU E 331 23.69 -29.87 -9.34
N CYS E 332 24.46 -30.94 -9.63
CA CYS E 332 23.96 -32.28 -9.38
C CYS E 332 23.72 -32.51 -7.89
N GLY E 333 24.66 -32.08 -7.04
CA GLY E 333 24.49 -32.27 -5.61
C GLY E 333 23.31 -31.50 -5.05
N SER E 334 23.12 -30.26 -5.51
CA SER E 334 21.98 -29.48 -5.02
C SER E 334 20.66 -30.13 -5.41
N SER E 335 20.54 -30.57 -6.67
CA SER E 335 19.31 -31.22 -7.08
C SER E 335 19.08 -32.53 -6.31
N LEU E 336 20.13 -33.31 -6.10
CA LEU E 336 19.98 -34.57 -5.36
C LEU E 336 19.57 -34.31 -3.92
N VAL E 337 20.16 -33.30 -3.27
CA VAL E 337 19.79 -32.99 -1.89
C VAL E 337 18.34 -32.56 -1.80
N LEU E 338 17.90 -31.71 -2.74
CA LEU E 338 16.49 -31.31 -2.74
C LEU E 338 15.57 -32.50 -2.92
N LEU E 339 15.92 -33.40 -3.85
CA LEU E 339 15.08 -34.57 -4.09
C LEU E 339 15.02 -35.48 -2.87
N ILE E 340 16.15 -35.68 -2.20
CA ILE E 340 16.18 -36.52 -1.01
C ILE E 340 15.34 -35.90 0.11
N ARG E 341 15.47 -34.59 0.32
CA ARG E 341 14.70 -33.94 1.37
C ARG E 341 13.21 -34.02 1.09
N ILE E 342 12.80 -33.83 -0.16
CA ILE E 342 11.37 -33.96 -0.48
C ILE E 342 10.90 -35.40 -0.31
N LEU E 343 11.70 -36.38 -0.72
CA LEU E 343 11.30 -37.78 -0.60
C LEU E 343 11.12 -38.19 0.85
N CYS E 344 12.07 -37.79 1.72
CA CYS E 344 11.97 -38.16 3.13
C CYS E 344 10.99 -37.29 3.90
N GLY E 345 10.42 -36.28 3.27
CA GLY E 345 9.49 -35.37 3.94
C GLY E 345 8.11 -35.94 4.08
N SER E 346 7.12 -35.04 4.10
CA SER E 346 5.73 -35.43 4.32
C SER E 346 5.01 -35.64 2.98
N ARG E 347 3.85 -36.30 3.07
CA ARG E 347 3.03 -36.62 1.91
C ARG E 347 2.01 -35.50 1.70
N LYS E 348 0.99 -35.78 0.89
CA LYS E 348 -0.14 -34.89 0.61
C LYS E 348 0.21 -33.75 -0.33
N ILE E 349 1.23 -33.92 -1.17
CA ILE E 349 1.58 -32.93 -2.19
C ILE E 349 1.66 -33.65 -3.53
N PRO E 350 1.27 -33.00 -4.64
CA PRO E 350 1.52 -33.61 -5.96
C PRO E 350 2.94 -33.41 -6.43
N LEU E 351 3.86 -34.29 -5.99
CA LEU E 351 5.27 -34.12 -6.27
C LEU E 351 5.66 -34.53 -7.69
N THR E 352 4.71 -34.78 -8.58
CA THR E 352 5.07 -35.13 -9.95
C THR E 352 5.69 -33.94 -10.69
N ARG E 353 5.17 -32.73 -10.48
CA ARG E 353 5.74 -31.56 -11.12
C ARG E 353 7.17 -31.29 -10.63
N LEU E 354 7.40 -31.45 -9.33
CA LEU E 354 8.74 -31.27 -8.78
C LEU E 354 9.73 -32.25 -9.42
N TYR E 355 9.35 -33.52 -9.50
CA TYR E 355 10.23 -34.53 -10.07
C TYR E 355 10.52 -34.25 -11.53
N VAL E 356 9.48 -33.97 -12.32
CA VAL E 356 9.69 -33.74 -13.75
C VAL E 356 10.53 -32.48 -13.98
N THR E 357 10.29 -31.42 -13.20
CA THR E 357 11.06 -30.20 -13.38
C THR E 357 12.53 -30.41 -13.04
N ILE E 358 12.80 -31.06 -11.91
CA ILE E 358 14.20 -31.27 -11.52
C ILE E 358 14.92 -32.15 -12.53
N LEU E 359 14.28 -33.26 -12.94
CA LEU E 359 14.94 -34.15 -13.90
C LEU E 359 15.17 -33.45 -15.24
N LEU E 360 14.17 -32.69 -15.72
CA LEU E 360 14.33 -31.99 -16.98
C LEU E 360 15.49 -31.00 -16.93
N THR E 361 15.53 -30.18 -15.88
CA THR E 361 16.60 -29.19 -15.79
C THR E 361 17.97 -29.86 -15.67
N VAL E 362 18.09 -30.90 -14.85
CA VAL E 362 19.38 -31.54 -14.66
C VAL E 362 19.87 -32.18 -15.96
N LEU E 363 18.99 -32.94 -16.63
CA LEU E 363 19.40 -33.60 -17.87
C LEU E 363 19.74 -32.58 -18.95
N VAL E 364 18.93 -31.53 -19.10
CA VAL E 364 19.22 -30.52 -20.11
C VAL E 364 20.56 -29.86 -19.84
N PHE E 365 20.78 -29.42 -18.59
CA PHE E 365 22.05 -28.80 -18.25
C PHE E 365 23.21 -29.72 -18.59
N LEU E 366 23.17 -30.96 -18.10
CA LEU E 366 24.28 -31.87 -18.35
C LEU E 366 24.52 -32.03 -19.83
N LEU E 367 23.55 -32.66 -20.53
CA LEU E 367 23.73 -33.13 -21.89
C LEU E 367 23.70 -32.02 -22.94
N CYS E 368 23.50 -30.77 -22.54
CA CYS E 368 23.59 -29.70 -23.53
C CYS E 368 24.54 -28.58 -23.15
N GLY E 369 25.02 -28.54 -21.91
CA GLY E 369 26.01 -27.55 -21.55
C GLY E 369 27.40 -28.14 -21.42
N LEU E 370 27.52 -29.26 -20.70
CA LEU E 370 28.86 -29.79 -20.43
C LEU E 370 29.65 -30.19 -21.67
N PRO E 371 29.05 -30.90 -22.64
CA PRO E 371 29.88 -31.49 -23.71
C PRO E 371 30.71 -30.49 -24.48
N PHE E 372 30.20 -29.30 -24.81
CA PHE E 372 30.95 -28.38 -25.64
C PHE E 372 32.26 -27.95 -24.96
N GLY E 373 32.15 -27.45 -23.74
CA GLY E 373 33.33 -27.00 -23.03
C GLY E 373 34.28 -28.14 -22.73
N ILE E 374 33.74 -29.28 -22.29
CA ILE E 374 34.59 -30.41 -21.95
C ILE E 374 35.37 -30.89 -23.16
N GLN E 375 34.67 -31.11 -24.28
CA GLN E 375 35.35 -31.59 -25.48
C GLN E 375 36.35 -30.58 -26.01
N PHE E 376 36.01 -29.28 -26.02
CA PHE E 376 36.95 -28.29 -26.52
C PHE E 376 38.22 -28.28 -25.68
N PHE E 377 38.09 -28.11 -24.37
CA PHE E 377 39.26 -27.95 -23.52
C PHE E 377 39.96 -29.26 -23.21
N LEU E 378 39.42 -30.40 -23.62
CA LEU E 378 40.16 -31.66 -23.54
C LEU E 378 40.82 -32.03 -24.86
N PHE E 379 40.06 -32.10 -25.95
CA PHE E 379 40.63 -32.47 -27.23
C PHE E 379 41.58 -31.42 -27.77
N LEU E 380 41.47 -30.17 -27.30
CA LEU E 380 42.43 -29.15 -27.71
C LEU E 380 43.84 -29.50 -27.21
N TRP E 381 43.95 -29.98 -25.98
CA TRP E 381 45.25 -30.33 -25.40
C TRP E 381 45.67 -31.74 -25.75
N ILE E 382 44.73 -32.68 -25.84
CA ILE E 382 45.06 -34.06 -26.16
C ILE E 382 45.46 -34.14 -27.62
N HIS E 383 46.64 -34.70 -27.88
CA HIS E 383 47.26 -34.67 -29.20
C HIS E 383 47.08 -35.96 -29.98
N VAL E 384 46.03 -36.73 -29.70
CA VAL E 384 45.71 -37.92 -30.48
C VAL E 384 44.60 -37.66 -31.49
N ASP E 385 44.36 -36.40 -31.82
CA ASP E 385 43.27 -36.01 -32.71
C ASP E 385 43.66 -36.34 -34.15
N ARG E 386 43.33 -37.56 -34.58
CA ARG E 386 43.54 -37.96 -35.98
C ARG E 386 42.34 -38.81 -36.39
N GLU E 387 41.30 -38.15 -36.89
CA GLU E 387 40.07 -38.81 -37.33
C GLU E 387 39.09 -37.83 -37.95
N VAL E 388 38.23 -38.31 -38.84
CA VAL E 388 37.07 -37.52 -39.26
C VAL E 388 35.88 -37.78 -38.35
N LEU E 389 35.91 -38.86 -37.57
CA LEU E 389 34.92 -39.13 -36.55
C LEU E 389 35.25 -38.44 -35.23
N PHE E 390 36.42 -37.84 -35.13
CA PHE E 390 36.81 -37.07 -33.95
C PHE E 390 36.47 -35.60 -34.10
N CYS E 391 35.92 -35.19 -35.25
CA CYS E 391 35.60 -33.80 -35.52
C CYS E 391 34.11 -33.50 -35.59
N HIS E 392 33.27 -34.48 -35.93
CA HIS E 392 31.83 -34.24 -35.91
C HIS E 392 31.31 -34.05 -34.50
N VAL E 393 32.03 -34.54 -33.49
CA VAL E 393 31.65 -34.27 -32.11
C VAL E 393 31.72 -32.77 -31.83
N HIS E 394 32.60 -32.05 -32.54
CA HIS E 394 32.69 -30.60 -32.38
C HIS E 394 31.39 -29.92 -32.80
N LEU E 395 30.89 -30.28 -33.99
CA LEU E 395 29.65 -29.68 -34.47
C LEU E 395 28.46 -30.12 -33.61
N VAL E 396 28.43 -31.39 -33.20
CA VAL E 396 27.31 -31.84 -32.38
C VAL E 396 27.32 -31.15 -31.02
N SER E 397 28.51 -30.89 -30.46
CA SER E 397 28.58 -30.18 -29.19
C SER E 397 28.21 -28.71 -29.35
N ILE E 398 28.59 -28.09 -30.46
CA ILE E 398 28.17 -26.72 -30.74
C ILE E 398 26.65 -26.64 -30.82
N PHE E 399 26.04 -27.58 -31.54
CA PHE E 399 24.58 -27.60 -31.64
C PHE E 399 23.93 -27.83 -30.29
N LEU E 400 24.50 -28.73 -29.48
CA LEU E 400 23.94 -28.98 -28.16
C LEU E 400 24.03 -27.76 -27.26
N SER E 401 25.15 -27.03 -27.32
CA SER E 401 25.29 -25.82 -26.51
C SER E 401 24.33 -24.73 -26.96
N ALA E 402 24.15 -24.59 -28.29
CA ALA E 402 23.17 -23.63 -28.79
C ALA E 402 21.76 -24.00 -28.33
N LEU E 403 21.43 -25.30 -28.36
CA LEU E 403 20.13 -25.74 -27.89
C LEU E 403 19.97 -25.46 -26.40
N ASN E 404 21.03 -25.65 -25.62
CA ASN E 404 20.97 -25.32 -24.18
C ASN E 404 20.70 -23.85 -23.97
N SER E 405 21.43 -22.99 -24.69
CA SER E 405 21.25 -21.55 -24.53
C SER E 405 19.87 -21.09 -25.00
N SER E 406 19.29 -21.76 -26.00
CA SER E 406 17.94 -21.41 -26.44
C SER E 406 16.88 -21.95 -25.48
N ALA E 407 17.12 -23.09 -24.84
CA ALA E 407 16.14 -23.71 -23.96
C ALA E 407 16.23 -23.23 -22.52
N ASN E 408 17.29 -22.48 -22.17
CA ASN E 408 17.37 -21.94 -20.81
C ASN E 408 16.20 -21.04 -20.45
N PRO E 409 15.82 -20.03 -21.26
CA PRO E 409 14.75 -19.14 -20.82
C PRO E 409 13.37 -19.75 -20.93
N ILE E 410 13.12 -20.57 -21.95
CA ILE E 410 11.77 -21.07 -22.19
C ILE E 410 11.29 -21.87 -21.00
N ILE E 411 12.09 -22.82 -20.53
CA ILE E 411 11.69 -23.71 -19.44
C ILE E 411 11.25 -22.85 -18.25
N TYR E 412 12.20 -22.12 -17.68
CA TYR E 412 11.93 -21.38 -16.45
C TYR E 412 10.79 -20.38 -16.66
N PHE E 413 11.00 -19.38 -17.52
CA PHE E 413 10.05 -18.29 -17.59
C PHE E 413 8.68 -18.74 -18.10
N PHE E 414 8.64 -19.57 -19.14
CA PHE E 414 7.36 -19.89 -19.75
C PHE E 414 6.56 -20.91 -18.94
N VAL E 415 7.21 -21.87 -18.26
CA VAL E 415 6.39 -22.69 -17.36
C VAL E 415 6.10 -21.96 -16.07
N GLY E 416 6.76 -20.82 -15.82
CA GLY E 416 6.38 -20.00 -14.68
C GLY E 416 5.17 -19.13 -14.93
N SER E 417 5.23 -18.29 -15.96
CA SER E 417 4.20 -17.31 -16.26
C SER E 417 3.27 -17.76 -17.37
N PHE E 418 2.98 -19.05 -17.44
CA PHE E 418 2.07 -19.59 -18.45
C PHE E 418 0.67 -19.02 -18.29
N GLN F 24 -34.21 1.82 -6.01
CA GLN F 24 -34.18 1.17 -4.70
C GLN F 24 -34.48 -0.31 -4.84
N VAL F 25 -33.76 -1.12 -4.08
CA VAL F 25 -33.95 -2.57 -4.09
C VAL F 25 -35.02 -2.94 -3.07
N GLN F 26 -35.88 -3.87 -3.44
CA GLN F 26 -36.97 -4.30 -2.56
C GLN F 26 -37.35 -5.73 -2.90
N LEU F 27 -37.66 -6.50 -1.85
CA LEU F 27 -38.01 -7.91 -2.00
C LEU F 27 -39.25 -8.19 -1.16
N GLN F 28 -40.24 -8.85 -1.76
CA GLN F 28 -41.47 -9.22 -1.07
C GLN F 28 -41.79 -10.68 -1.32
N GLU F 29 -42.23 -11.38 -0.28
CA GLU F 29 -42.42 -12.82 -0.33
C GLU F 29 -43.85 -13.23 0.02
N SER F 30 -44.85 -12.54 -0.53
CA SER F 30 -46.25 -12.83 -0.22
C SER F 30 -46.65 -14.14 -0.88
N GLY F 31 -46.20 -15.24 -0.30
CA GLY F 31 -46.55 -16.56 -0.80
C GLY F 31 -46.98 -17.57 0.25
N GLY F 32 -46.79 -17.23 1.53
CA GLY F 32 -47.02 -18.16 2.61
C GLY F 32 -48.43 -18.13 3.16
N GLY F 33 -48.74 -19.14 3.95
CA GLY F 33 -50.05 -19.26 4.56
C GLY F 33 -50.01 -20.13 5.80
N LEU F 34 -51.12 -20.80 6.08
CA LEU F 34 -51.26 -21.67 7.25
C LEU F 34 -51.71 -23.04 6.79
N VAL F 35 -50.89 -24.06 7.07
CA VAL F 35 -51.20 -25.44 6.72
C VAL F 35 -50.86 -26.33 7.90
N GLN F 36 -51.55 -27.47 7.98
CA GLN F 36 -51.29 -28.46 9.01
C GLN F 36 -50.10 -29.33 8.62
N PRO F 37 -49.49 -30.03 9.60
CA PRO F 37 -48.34 -30.88 9.27
C PRO F 37 -48.69 -31.93 8.22
N GLY F 38 -47.74 -32.19 7.33
CA GLY F 38 -47.95 -33.08 6.22
C GLY F 38 -48.41 -32.40 4.94
N GLY F 39 -48.75 -31.11 5.01
CA GLY F 39 -49.17 -30.38 3.84
C GLY F 39 -48.00 -29.86 3.03
N SER F 40 -48.33 -29.03 2.04
CA SER F 40 -47.33 -28.47 1.15
C SER F 40 -47.63 -27.01 0.91
N LEU F 41 -46.58 -26.19 0.89
CA LEU F 41 -46.67 -24.75 0.63
C LEU F 41 -45.75 -24.40 -0.54
N ARG F 42 -45.75 -23.11 -0.88
CA ARG F 42 -44.84 -22.59 -1.91
C ARG F 42 -44.63 -21.12 -1.65
N LEU F 43 -43.37 -20.69 -1.58
CA LEU F 43 -43.02 -19.31 -1.31
C LEU F 43 -42.48 -18.66 -2.58
N SER F 44 -43.01 -17.49 -2.90
CA SER F 44 -42.55 -16.70 -4.05
C SER F 44 -41.73 -15.51 -3.55
N CYS F 45 -41.15 -14.79 -4.50
CA CYS F 45 -40.32 -13.63 -4.16
C CYS F 45 -40.23 -12.73 -5.39
N ALA F 46 -40.83 -11.54 -5.30
CA ALA F 46 -40.80 -10.57 -6.38
C ALA F 46 -39.64 -9.61 -6.12
N ALA F 47 -38.72 -9.53 -7.07
CA ALA F 47 -37.54 -8.68 -6.95
C ALA F 47 -37.57 -7.60 -8.03
N SER F 48 -37.25 -6.37 -7.62
CA SER F 48 -37.19 -5.25 -8.54
C SER F 48 -36.17 -4.24 -8.03
N GLY F 49 -35.64 -3.45 -8.96
CA GLY F 49 -34.66 -2.43 -8.63
C GLY F 49 -33.23 -2.78 -8.94
N PHE F 50 -32.96 -3.99 -9.42
CA PHE F 50 -31.62 -4.40 -9.78
C PHE F 50 -31.70 -5.49 -10.83
N THR F 51 -30.58 -5.73 -11.52
CA THR F 51 -30.52 -6.76 -12.54
C THR F 51 -30.52 -8.13 -11.86
N PHE F 52 -31.54 -8.93 -12.16
CA PHE F 52 -31.73 -10.19 -11.43
C PHE F 52 -30.69 -11.24 -11.80
N SER F 53 -30.05 -11.09 -12.95
CA SER F 53 -29.28 -12.19 -13.54
C SER F 53 -27.85 -12.30 -13.03
N ASN F 54 -27.37 -11.35 -12.22
CA ASN F 54 -25.98 -11.39 -11.76
C ASN F 54 -25.84 -11.65 -10.27
N TYR F 55 -26.91 -11.99 -9.57
CA TYR F 55 -26.86 -12.13 -8.12
C TYR F 55 -27.26 -13.53 -7.69
N LYS F 56 -26.59 -14.02 -6.65
CA LYS F 56 -26.79 -15.36 -6.12
C LYS F 56 -27.80 -15.28 -4.97
N MET F 57 -29.08 -15.44 -5.30
CA MET F 57 -30.12 -15.26 -4.30
C MET F 57 -30.14 -16.43 -3.31
N ASN F 58 -30.63 -16.16 -2.11
CA ASN F 58 -30.66 -17.12 -1.01
C ASN F 58 -32.09 -17.30 -0.51
N TRP F 59 -32.23 -18.05 0.58
CA TRP F 59 -33.51 -18.24 1.26
C TRP F 59 -33.18 -18.56 2.71
N VAL F 60 -33.56 -17.67 3.64
CA VAL F 60 -33.24 -17.82 5.04
C VAL F 60 -34.53 -17.83 5.84
N ARG F 61 -34.42 -18.16 7.13
CA ARG F 61 -35.59 -18.30 7.99
C ARG F 61 -35.20 -18.04 9.43
N GLN F 62 -36.14 -17.48 10.19
CA GLN F 62 -35.96 -17.20 11.61
C GLN F 62 -37.11 -17.81 12.38
N ALA F 63 -36.79 -18.68 13.35
CA ALA F 63 -37.74 -19.38 14.21
C ALA F 63 -38.03 -18.56 15.46
N PRO F 64 -39.23 -18.71 16.05
CA PRO F 64 -39.55 -17.96 17.27
C PRO F 64 -38.62 -18.32 18.42
N GLY F 65 -37.93 -17.32 18.97
CA GLY F 65 -36.97 -17.54 20.04
C GLY F 65 -35.56 -17.82 19.59
N LYS F 66 -35.32 -17.91 18.29
CA LYS F 66 -34.00 -18.21 17.74
C LYS F 66 -33.62 -17.14 16.73
N GLY F 67 -32.32 -17.11 16.39
CA GLY F 67 -31.80 -16.13 15.46
C GLY F 67 -31.94 -16.57 14.01
N LEU F 68 -31.42 -15.72 13.12
CA LEU F 68 -31.47 -16.01 11.69
C LEU F 68 -30.62 -17.23 11.36
N GLU F 69 -31.11 -18.07 10.47
CA GLU F 69 -30.35 -19.23 9.99
C GLU F 69 -30.59 -19.41 8.50
N TRP F 70 -29.59 -19.99 7.84
CA TRP F 70 -29.62 -20.20 6.40
C TRP F 70 -30.39 -21.48 6.08
N VAL F 71 -31.14 -21.45 4.99
CA VAL F 71 -32.00 -22.58 4.63
C VAL F 71 -31.62 -23.14 3.27
N SER F 72 -31.67 -22.32 2.22
CA SER F 72 -31.46 -22.82 0.87
C SER F 72 -30.54 -21.88 0.10
N ASP F 73 -30.13 -22.32 -1.08
CA ASP F 73 -29.24 -21.51 -1.92
C ASP F 73 -29.51 -21.82 -3.39
N ILE F 74 -29.10 -20.89 -4.25
CA ILE F 74 -29.18 -21.08 -5.69
C ILE F 74 -28.22 -20.08 -6.34
N SER F 75 -27.65 -20.46 -7.47
CA SER F 75 -26.62 -19.67 -8.13
C SER F 75 -27.27 -18.73 -9.15
N GLN F 76 -26.45 -18.12 -10.02
CA GLN F 76 -26.94 -17.11 -10.95
C GLN F 76 -27.89 -17.71 -11.98
N SER F 77 -27.48 -18.79 -12.63
CA SER F 77 -28.30 -19.42 -13.66
C SER F 77 -29.09 -20.62 -13.15
N GLY F 78 -28.82 -21.08 -11.94
CA GLY F 78 -29.47 -22.23 -11.39
C GLY F 78 -28.66 -23.53 -11.45
N ALA F 79 -27.39 -23.47 -11.85
CA ALA F 79 -26.59 -24.68 -11.95
C ALA F 79 -26.27 -25.26 -10.57
N SER F 80 -25.87 -24.41 -9.63
CA SER F 80 -25.49 -24.85 -8.30
C SER F 80 -26.62 -24.60 -7.31
N ILE F 81 -26.90 -25.61 -6.48
CA ILE F 81 -27.91 -25.52 -5.43
C ILE F 81 -27.32 -26.08 -4.15
N SER F 82 -27.85 -25.64 -3.02
CA SER F 82 -27.41 -26.14 -1.72
C SER F 82 -28.53 -26.03 -0.71
N TYR F 83 -28.53 -26.93 0.27
CA TYR F 83 -29.54 -26.99 1.32
C TYR F 83 -28.85 -27.10 2.67
N THR F 84 -29.67 -27.10 3.73
CA THR F 84 -29.17 -27.01 5.10
C THR F 84 -29.29 -28.33 5.86
N GLY F 85 -29.37 -29.45 5.14
CA GLY F 85 -29.43 -30.75 5.80
C GLY F 85 -30.81 -31.10 6.32
N SER F 86 -31.34 -30.29 7.22
CA SER F 86 -32.65 -30.56 7.80
C SER F 86 -33.76 -30.50 6.77
N VAL F 87 -33.52 -29.88 5.62
CA VAL F 87 -34.48 -29.79 4.53
C VAL F 87 -33.94 -30.37 3.23
N LYS F 88 -32.84 -31.12 3.30
CA LYS F 88 -32.14 -31.57 2.10
C LYS F 88 -33.00 -32.48 1.23
N GLY F 89 -33.96 -33.18 1.80
CA GLY F 89 -34.76 -34.11 1.02
C GLY F 89 -36.16 -33.65 0.70
N ARG F 90 -36.58 -32.53 1.29
CA ARG F 90 -37.95 -32.04 1.16
C ARG F 90 -38.06 -30.80 0.27
N PHE F 91 -37.34 -29.74 0.61
CA PHE F 91 -37.50 -28.47 -0.08
C PHE F 91 -36.76 -28.46 -1.41
N THR F 92 -37.20 -27.57 -2.30
CA THR F 92 -36.50 -27.36 -3.57
C THR F 92 -36.63 -25.90 -3.99
N ILE F 93 -35.50 -25.30 -4.35
CA ILE F 93 -35.42 -23.86 -4.64
C ILE F 93 -35.15 -23.66 -6.11
N SER F 94 -35.94 -22.78 -6.74
CA SER F 94 -35.79 -22.48 -8.15
C SER F 94 -35.92 -20.98 -8.36
N ARG F 95 -35.64 -20.54 -9.59
CA ARG F 95 -35.71 -19.12 -9.91
C ARG F 95 -36.11 -18.95 -11.36
N ASP F 96 -36.62 -17.76 -11.67
CA ASP F 96 -37.02 -17.39 -13.02
C ASP F 96 -36.50 -15.99 -13.29
N ASN F 97 -35.44 -15.88 -14.09
CA ASN F 97 -34.83 -14.60 -14.38
C ASN F 97 -35.61 -13.80 -15.42
N ALA F 98 -36.46 -14.46 -16.21
CA ALA F 98 -37.28 -13.74 -17.18
C ALA F 98 -38.41 -12.97 -16.49
N LYS F 99 -39.00 -13.55 -15.45
CA LYS F 99 -40.06 -12.90 -14.69
C LYS F 99 -39.56 -12.27 -13.39
N ASN F 100 -38.25 -12.35 -13.11
CA ASN F 100 -37.64 -11.76 -11.92
C ASN F 100 -38.30 -12.28 -10.65
N THR F 101 -38.25 -13.60 -10.48
CA THR F 101 -38.90 -14.23 -9.35
C THR F 101 -38.04 -15.35 -8.79
N LEU F 102 -38.21 -15.64 -7.50
CA LEU F 102 -37.53 -16.72 -6.82
C LEU F 102 -38.55 -17.55 -6.06
N TYR F 103 -38.54 -18.87 -6.28
CA TYR F 103 -39.53 -19.76 -5.70
C TYR F 103 -38.86 -20.79 -4.80
N LEU F 104 -39.58 -21.18 -3.75
CA LEU F 104 -39.18 -22.27 -2.86
C LEU F 104 -40.37 -23.19 -2.64
N GLN F 105 -40.32 -24.39 -3.23
CA GLN F 105 -41.36 -25.40 -3.02
C GLN F 105 -41.03 -26.19 -1.76
N MET F 106 -41.93 -26.15 -0.79
CA MET F 106 -41.76 -26.79 0.51
C MET F 106 -42.94 -27.72 0.75
N ASN F 107 -42.65 -29.00 0.97
CA ASN F 107 -43.67 -30.02 1.20
C ASN F 107 -43.27 -30.92 2.35
N SER F 108 -44.26 -31.65 2.87
CA SER F 108 -44.09 -32.51 4.05
C SER F 108 -43.55 -31.70 5.23
N LEU F 109 -44.33 -30.71 5.64
CA LEU F 109 -43.90 -29.78 6.67
C LEU F 109 -43.90 -30.46 8.04
N LYS F 110 -42.83 -30.26 8.79
CA LYS F 110 -42.68 -30.73 10.15
C LYS F 110 -43.02 -29.61 11.13
N PRO F 111 -43.38 -29.95 12.39
CA PRO F 111 -43.64 -28.90 13.38
C PRO F 111 -42.44 -28.01 13.70
N GLU F 112 -41.25 -28.33 13.18
CA GLU F 112 -40.07 -27.52 13.39
C GLU F 112 -39.88 -26.48 12.28
N ASP F 113 -40.88 -26.27 11.43
CA ASP F 113 -40.75 -25.37 10.30
C ASP F 113 -41.60 -24.11 10.43
N THR F 114 -42.32 -23.92 11.53
CA THR F 114 -43.10 -22.70 11.74
C THR F 114 -42.14 -21.56 12.05
N ALA F 115 -42.00 -20.63 11.12
CA ALA F 115 -41.00 -19.56 11.24
C ALA F 115 -41.33 -18.47 10.23
N VAL F 116 -40.50 -17.43 10.20
CA VAL F 116 -40.62 -16.33 9.26
C VAL F 116 -39.51 -16.45 8.23
N TYR F 117 -39.88 -16.50 6.96
CA TYR F 117 -38.96 -16.73 5.88
C TYR F 117 -38.61 -15.42 5.18
N TYR F 118 -37.33 -15.29 4.80
CA TYR F 118 -36.81 -14.10 4.16
C TYR F 118 -36.10 -14.48 2.86
N CYS F 119 -36.21 -13.61 1.88
CA CYS F 119 -35.67 -13.79 0.53
C CYS F 119 -34.29 -13.16 0.39
N ALA F 120 -33.48 -13.16 1.45
CA ALA F 120 -32.21 -12.46 1.51
C ALA F 120 -31.38 -12.59 0.24
N ARG F 121 -30.93 -11.44 -0.29
CA ARG F 121 -30.13 -11.35 -1.49
C ARG F 121 -28.65 -11.47 -1.12
N CYS F 122 -27.79 -11.15 -2.08
CA CYS F 122 -26.35 -11.31 -2.06
C CYS F 122 -25.67 -9.98 -2.39
N PRO F 123 -24.70 -9.54 -1.56
CA PRO F 123 -24.21 -8.15 -1.65
C PRO F 123 -23.75 -7.68 -3.01
N ALA F 124 -22.78 -8.38 -3.61
CA ALA F 124 -22.17 -7.89 -4.84
C ALA F 124 -22.43 -8.84 -6.00
N PRO F 125 -22.50 -8.34 -7.23
CA PRO F 125 -22.73 -9.22 -8.37
C PRO F 125 -21.46 -9.92 -8.84
N PHE F 126 -21.60 -10.95 -9.65
CA PHE F 126 -20.48 -11.66 -10.28
C PHE F 126 -19.53 -12.24 -9.24
N THR F 127 -20.06 -12.67 -8.09
CA THR F 127 -19.26 -13.29 -7.04
C THR F 127 -19.90 -14.60 -6.61
N ARG F 128 -19.04 -15.51 -6.13
CA ARG F 128 -19.48 -16.76 -5.52
C ARG F 128 -19.64 -16.62 -4.01
N ASP F 129 -18.59 -16.21 -3.31
CA ASP F 129 -18.72 -15.85 -1.91
C ASP F 129 -19.58 -14.60 -1.80
N CYS F 130 -20.33 -14.49 -0.71
CA CYS F 130 -20.99 -13.25 -0.34
C CYS F 130 -21.49 -13.34 1.11
N PHE F 131 -21.12 -12.32 1.88
CA PHE F 131 -21.05 -12.42 3.32
C PHE F 131 -22.36 -12.04 3.99
N ASP F 132 -22.50 -12.44 5.26
CA ASP F 132 -23.43 -11.85 6.21
C ASP F 132 -24.86 -11.76 5.67
N VAL F 133 -25.24 -12.77 4.89
CA VAL F 133 -26.60 -12.81 4.35
C VAL F 133 -27.65 -12.96 5.45
N THR F 134 -27.27 -13.50 6.60
CA THR F 134 -28.18 -13.74 7.71
C THR F 134 -27.87 -12.85 8.91
N SER F 135 -27.55 -11.57 8.67
CA SER F 135 -27.20 -10.66 9.74
C SER F 135 -28.44 -10.17 10.46
N THR F 136 -28.23 -9.48 11.58
CA THR F 136 -29.35 -8.90 12.33
C THR F 136 -30.02 -7.79 11.52
N THR F 137 -29.22 -6.86 10.98
CA THR F 137 -29.72 -5.75 10.18
C THR F 137 -29.02 -5.81 8.83
N TYR F 138 -29.61 -6.54 7.89
CA TYR F 138 -29.10 -6.62 6.53
C TYR F 138 -29.90 -5.68 5.62
N ALA F 139 -29.22 -5.14 4.61
CA ALA F 139 -29.81 -4.10 3.79
C ALA F 139 -30.67 -4.65 2.66
N TYR F 140 -30.17 -5.61 1.89
CA TYR F 140 -30.88 -6.14 0.73
C TYR F 140 -31.57 -7.45 1.14
N ARG F 141 -32.66 -7.30 1.88
CA ARG F 141 -33.39 -8.44 2.41
C ARG F 141 -34.85 -8.06 2.56
N GLY F 142 -35.74 -9.01 2.32
CA GLY F 142 -37.16 -8.73 2.30
C GLY F 142 -37.74 -8.58 3.70
N GLN F 143 -39.05 -8.32 3.72
CA GLN F 143 -39.79 -8.11 4.96
C GLN F 143 -40.04 -9.42 5.71
N GLY F 144 -40.39 -10.49 5.00
CA GLY F 144 -40.61 -11.76 5.64
C GLY F 144 -42.03 -12.28 5.54
N THR F 145 -42.19 -13.61 5.51
CA THR F 145 -43.50 -14.24 5.46
C THR F 145 -43.59 -15.28 6.57
N GLN F 146 -44.65 -15.22 7.37
CA GLN F 146 -44.81 -16.10 8.51
C GLN F 146 -45.57 -17.35 8.08
N VAL F 147 -45.01 -18.52 8.38
CA VAL F 147 -45.67 -19.80 8.11
C VAL F 147 -45.74 -20.58 9.42
N THR F 148 -46.93 -21.10 9.71
CA THR F 148 -47.18 -21.84 10.93
C THR F 148 -47.79 -23.20 10.59
N VAL F 149 -47.32 -24.24 11.27
CA VAL F 149 -47.83 -25.59 11.09
C VAL F 149 -48.34 -26.10 12.43
N SER F 150 -49.58 -26.57 12.45
CA SER F 150 -50.19 -27.04 13.70
C SER F 150 -51.29 -28.06 13.42
#